data_6MA5
#
_entry.id   6MA5
#
_cell.length_a   98.790
_cell.length_b   98.790
_cell.length_c   365.910
_cell.angle_alpha   90.000
_cell.angle_beta   90.000
_cell.angle_gamma   120.000
#
_symmetry.space_group_name_H-M   'P 61 2 2'
#
loop_
_entity.id
_entity.type
_entity.pdbx_description
1 polymer 'UDP-N-acetylglucosamine--peptide N-acetylglucosaminyltransferase 110 kDa subunit'
2 polymer 'Host Cell Factor 1 peptide'
3 non-polymer N-[(2R)-2-(2-methoxyphenyl)-2-{[(2-oxo-1,2-dihydroquinolin-6-yl)sulfonyl]amino}acetyl]-N-[(thiophen-2-yl)methyl]glycine
4 water water
#
loop_
_entity_poly.entity_id
_entity_poly.type
_entity_poly.pdbx_seq_one_letter_code
_entity_poly.pdbx_strand_id
1 'polypeptide(L)'
;GPGSCPTHADSLNNLANIKREQGNIEEAVRLYRKALEVFPEFAAAHSNLASVLQQQGKLQEALMHYKEAIRISPTFADAY
SNMGNTLKEMQDVQGALQCYTRAIQINPAFADAHSNLASIHKDSGNIPEAIASYRTALKLKPDFPDAYCNLAHCLQIVCD
WTDYDERMKKLVSIVADQLEKNRLPSVHPHHSMLYPLSHGFRKAIAERHGNLCLDKINVLHKPPYEHPKDLKLSDGRLRV
GYVSSDFGNHPTSHLMQSIPGMHNPDKFEVFCYALSPDDGTNFRVKVMAEANHFIDLSQIPCNGKAADRIHQDGIHILVN
MNGYTKGARNELFALRPAPIQAMWLGYPGTSGALFMDYIITDQETSPAEVAEQYSEKLAYMPHTFFIGDHANMFPHLKKK
AVIDFKSNGHIYDNRIVLNGIDLKAFLDSLPDVKIVKMKCPDGGDNADSSNTALNMPVIPMNTIAEAVIEMINRGQIQIT
INGFSISNGLATTQINNKAATGEEVPRTIIVTTRSQYGLPEDAIVYCNFNQLYKIDPSTLQMWANILKRVPNSVLWLLRF
PAVGEPNIQQYAQNMGLPQNRIIFSPVAPKEEHVRRGQLADVCLDTPLCNGHTTGMDVLWAGTPMVTMPGETLASRVAAS
QLTCLGCLELIAKNRQEYEDIAVKLGTDLEYLKKVRGKVWKQRISSPLFNTKQYTMELERLYLQMWEHYAAGNKPDHMIK
PVE
;
A
2 'polypeptide(L)' THETGTTNTATTATSN B
#
# COMPACT_ATOMS: atom_id res chain seq x y z
N CYS A 5 42.09 -31.69 -14.11
CA CYS A 5 41.39 -31.58 -15.38
C CYS A 5 40.47 -30.38 -15.35
N PRO A 6 40.34 -29.67 -16.48
CA PRO A 6 39.38 -28.55 -16.54
C PRO A 6 37.94 -29.00 -16.33
N THR A 7 37.64 -30.26 -16.68
CA THR A 7 36.32 -30.83 -16.45
C THR A 7 35.94 -30.77 -14.97
N HIS A 8 36.93 -30.78 -14.07
CA HIS A 8 36.64 -30.85 -12.64
C HIS A 8 35.92 -29.60 -12.18
N ALA A 9 36.55 -28.44 -12.38
CA ALA A 9 35.94 -27.20 -11.94
C ALA A 9 34.65 -26.92 -12.71
N ASP A 10 34.63 -27.19 -14.01
CA ASP A 10 33.39 -27.00 -14.77
C ASP A 10 32.25 -27.85 -14.21
N SER A 11 32.54 -29.11 -13.89
CA SER A 11 31.49 -30.00 -13.35
C SER A 11 30.96 -29.47 -12.03
N LEU A 12 31.84 -29.00 -11.15
CA LEU A 12 31.39 -28.46 -9.88
C LEU A 12 30.51 -27.23 -10.08
N ASN A 13 30.96 -26.31 -10.96
CA ASN A 13 30.18 -25.10 -11.23
C ASN A 13 28.79 -25.44 -11.77
N ASN A 14 28.73 -26.36 -12.76
CA ASN A 14 27.45 -26.66 -13.40
C ASN A 14 26.54 -27.46 -12.46
N LEU A 15 27.10 -28.34 -11.63
CA LEU A 15 26.27 -29.03 -10.65
C LEU A 15 25.70 -28.03 -9.64
N ALA A 16 26.52 -27.08 -9.19
CA ALA A 16 26.03 -26.06 -8.26
C ALA A 16 24.87 -25.26 -8.87
N ASN A 17 24.96 -24.91 -10.16
CA ASN A 17 23.85 -24.21 -10.80
C ASN A 17 22.55 -25.01 -10.68
N ILE A 18 22.64 -26.33 -10.84
CA ILE A 18 21.47 -27.20 -10.70
C ILE A 18 20.94 -27.13 -9.27
N LYS A 19 21.84 -27.25 -8.30
CA LYS A 19 21.44 -27.20 -6.90
C LYS A 19 20.81 -25.86 -6.54
N ARG A 20 21.34 -24.77 -7.10
CA ARG A 20 20.68 -23.49 -6.92
C ARG A 20 19.25 -23.52 -7.44
N GLU A 21 19.06 -23.99 -8.68
CA GLU A 21 17.72 -24.08 -9.25
C GLU A 21 16.76 -24.85 -8.35
N GLN A 22 17.23 -25.94 -7.76
CA GLN A 22 16.39 -26.81 -6.94
C GLN A 22 16.04 -26.18 -5.60
N GLY A 23 16.62 -25.02 -5.26
CA GLY A 23 16.44 -24.42 -3.97
C GLY A 23 17.42 -24.86 -2.92
N ASN A 24 18.46 -25.63 -3.28
CA ASN A 24 19.43 -26.11 -2.30
C ASN A 24 20.62 -25.16 -2.30
N ILE A 25 20.40 -24.01 -1.67
CA ILE A 25 21.35 -22.89 -1.76
C ILE A 25 22.65 -23.22 -1.01
N GLU A 26 22.55 -23.84 0.17
CA GLU A 26 23.74 -24.14 0.95
C GLU A 26 24.68 -25.07 0.20
N GLU A 27 24.12 -26.11 -0.42
CA GLU A 27 24.94 -27.03 -1.20
C GLU A 27 25.55 -26.33 -2.41
N ALA A 28 24.78 -25.44 -3.06
CA ALA A 28 25.32 -24.69 -4.19
C ALA A 28 26.55 -23.87 -3.76
N VAL A 29 26.45 -23.16 -2.64
CA VAL A 29 27.60 -22.40 -2.13
C VAL A 29 28.80 -23.33 -1.94
N ARG A 30 28.56 -24.49 -1.32
CA ARG A 30 29.63 -25.44 -1.10
C ARG A 30 30.30 -25.83 -2.41
N LEU A 31 29.52 -26.08 -3.47
CA LEU A 31 30.08 -26.52 -4.73
C LEU A 31 30.81 -25.40 -5.44
N TYR A 32 30.21 -24.20 -5.47
CA TYR A 32 30.91 -23.05 -6.06
C TYR A 32 32.27 -22.84 -5.41
N ARG A 33 32.34 -22.98 -4.08
CA ARG A 33 33.60 -22.73 -3.39
C ARG A 33 34.62 -23.81 -3.67
N LYS A 34 34.19 -25.07 -3.74
CA LYS A 34 35.10 -26.14 -4.15
C LYS A 34 35.62 -25.90 -5.56
N ALA A 35 34.76 -25.41 -6.46
CA ALA A 35 35.21 -25.07 -7.80
C ALA A 35 36.32 -24.02 -7.77
N LEU A 36 36.21 -23.03 -6.89
CA LEU A 36 37.21 -21.97 -6.78
C LEU A 36 38.49 -22.47 -6.14
N GLU A 37 38.41 -23.50 -5.29
CA GLU A 37 39.62 -24.16 -4.82
C GLU A 37 40.34 -24.86 -5.98
N VAL A 38 39.58 -25.53 -6.85
CA VAL A 38 40.20 -26.29 -7.93
C VAL A 38 40.77 -25.36 -8.98
N PHE A 39 40.07 -24.26 -9.24
CA PHE A 39 40.38 -23.34 -10.34
C PHE A 39 40.20 -21.92 -9.82
N PRO A 40 41.22 -21.36 -9.19
CA PRO A 40 41.06 -20.05 -8.53
C PRO A 40 40.65 -18.91 -9.47
N GLU A 41 41.10 -18.89 -10.72
CA GLU A 41 40.75 -17.78 -11.62
C GLU A 41 39.51 -18.08 -12.46
N PHE A 42 38.48 -18.65 -11.84
CA PHE A 42 37.27 -19.15 -12.51
C PHE A 42 36.21 -18.06 -12.46
N ALA A 43 36.16 -17.22 -13.50
CA ALA A 43 35.26 -16.07 -13.47
C ALA A 43 33.81 -16.51 -13.27
N ALA A 44 33.35 -17.49 -14.04
CA ALA A 44 31.98 -17.96 -13.92
C ALA A 44 31.65 -18.38 -12.49
N ALA A 45 32.57 -19.08 -11.83
CA ALA A 45 32.28 -19.55 -10.46
C ALA A 45 32.22 -18.38 -9.49
N HIS A 46 33.09 -17.38 -9.65
CA HIS A 46 33.01 -16.19 -8.81
C HIS A 46 31.63 -15.52 -8.95
N SER A 47 31.17 -15.35 -10.19
CA SER A 47 29.90 -14.66 -10.41
C SER A 47 28.72 -15.50 -9.93
N ASN A 48 28.75 -16.81 -10.18
CA ASN A 48 27.66 -17.66 -9.71
C ASN A 48 27.61 -17.71 -8.19
N LEU A 49 28.78 -17.82 -7.54
CA LEU A 49 28.82 -17.77 -6.08
C LEU A 49 28.22 -16.47 -5.59
N ALA A 50 28.64 -15.34 -6.17
CA ALA A 50 28.12 -14.06 -5.73
C ALA A 50 26.61 -14.01 -5.82
N SER A 51 26.04 -14.67 -6.84
CA SER A 51 24.60 -14.67 -7.02
C SER A 51 23.88 -15.39 -5.88
N VAL A 52 24.45 -16.50 -5.39
CA VAL A 52 23.79 -17.17 -4.26
C VAL A 52 24.07 -16.44 -2.94
N LEU A 53 25.24 -15.82 -2.79
CA LEU A 53 25.46 -15.02 -1.59
C LEU A 53 24.47 -13.86 -1.54
N GLN A 54 24.21 -13.23 -2.68
CA GLN A 54 23.19 -12.20 -2.74
C GLN A 54 21.86 -12.73 -2.23
N GLN A 55 21.47 -13.92 -2.72
CA GLN A 55 20.23 -14.54 -2.28
C GLN A 55 20.22 -14.82 -0.78
N GLN A 56 21.40 -14.99 -0.16
CA GLN A 56 21.51 -15.17 1.28
C GLN A 56 21.64 -13.86 2.05
N GLY A 57 21.56 -12.70 1.38
CA GLY A 57 21.70 -11.42 2.07
C GLY A 57 23.12 -11.00 2.35
N LYS A 58 24.12 -11.71 1.81
CA LYS A 58 25.53 -11.35 2.01
C LYS A 58 25.99 -10.48 0.83
N LEU A 59 25.51 -9.23 0.85
CA LEU A 59 25.61 -8.37 -0.33
C LEU A 59 27.03 -7.86 -0.57
N GLN A 60 27.75 -7.46 0.49
CA GLN A 60 29.12 -7.00 0.29
C GLN A 60 30.03 -8.14 -0.18
N GLU A 61 29.86 -9.33 0.40
CA GLU A 61 30.66 -10.48 -0.06
C GLU A 61 30.34 -10.81 -1.51
N ALA A 62 29.06 -10.68 -1.89
CA ALA A 62 28.69 -10.90 -3.28
C ALA A 62 29.38 -9.88 -4.19
N LEU A 63 29.30 -8.59 -3.85
CA LEU A 63 29.98 -7.57 -4.64
C LEU A 63 31.46 -7.89 -4.81
N MET A 64 32.12 -8.35 -3.75
CA MET A 64 33.55 -8.67 -3.87
C MET A 64 33.80 -9.71 -4.94
N HIS A 65 32.92 -10.73 -5.03
CA HIS A 65 33.13 -11.81 -5.99
C HIS A 65 32.71 -11.40 -7.41
N TYR A 66 31.69 -10.54 -7.55
CA TYR A 66 31.43 -9.97 -8.87
C TYR A 66 32.64 -9.20 -9.39
N LYS A 67 33.23 -8.35 -8.56
CA LYS A 67 34.38 -7.56 -9.00
C LYS A 67 35.55 -8.46 -9.39
N GLU A 68 35.74 -9.55 -8.64
CA GLU A 68 36.76 -10.54 -8.99
C GLU A 68 36.48 -11.16 -10.37
N ALA A 69 35.21 -11.53 -10.63
CA ALA A 69 34.87 -12.11 -11.92
C ALA A 69 35.21 -11.16 -13.06
N ILE A 70 34.93 -9.88 -12.86
CA ILE A 70 35.14 -8.87 -13.89
C ILE A 70 36.61 -8.51 -14.03
N ARG A 71 37.37 -8.53 -12.93
CA ARG A 71 38.82 -8.40 -13.02
C ARG A 71 39.40 -9.50 -13.91
N ILE A 72 38.90 -10.73 -13.75
CA ILE A 72 39.37 -11.84 -14.55
C ILE A 72 38.90 -11.71 -16.00
N SER A 73 37.67 -11.23 -16.19
CA SER A 73 37.02 -11.24 -17.51
C SER A 73 36.29 -9.92 -17.72
N PRO A 74 37.01 -8.88 -18.18
CA PRO A 74 36.41 -7.54 -18.24
C PRO A 74 35.16 -7.43 -19.11
N THR A 75 34.93 -8.35 -20.06
CA THR A 75 33.73 -8.29 -20.88
C THR A 75 32.68 -9.33 -20.47
N PHE A 76 32.65 -9.71 -19.19
CA PHE A 76 31.75 -10.73 -18.65
C PHE A 76 30.39 -10.09 -18.37
N ALA A 77 29.49 -10.11 -19.36
CA ALA A 77 28.23 -9.38 -19.23
C ALA A 77 27.34 -9.96 -18.12
N ASP A 78 27.30 -11.30 -17.99
CA ASP A 78 26.54 -11.91 -16.89
C ASP A 78 26.88 -11.29 -15.54
N ALA A 79 28.19 -11.13 -15.26
CA ALA A 79 28.61 -10.60 -13.97
C ALA A 79 28.16 -9.15 -13.78
N TYR A 80 28.23 -8.33 -14.84
CA TYR A 80 27.76 -6.95 -14.72
C TYR A 80 26.28 -6.89 -14.37
N SER A 81 25.47 -7.70 -15.05
CA SER A 81 24.02 -7.68 -14.83
C SER A 81 23.69 -8.17 -13.43
N ASN A 82 24.28 -9.30 -13.03
CA ASN A 82 24.06 -9.82 -11.68
C ASN A 82 24.49 -8.80 -10.62
N MET A 83 25.64 -8.13 -10.84
CA MET A 83 26.10 -7.14 -9.89
C MET A 83 25.12 -5.98 -9.81
N GLY A 84 24.58 -5.55 -10.96
CA GLY A 84 23.54 -4.53 -10.95
C GLY A 84 22.39 -4.91 -10.04
N ASN A 85 21.95 -6.17 -10.09
CA ASN A 85 20.85 -6.60 -9.24
C ASN A 85 21.19 -6.42 -7.76
N THR A 86 22.45 -6.67 -7.38
CA THR A 86 22.87 -6.51 -6.00
C THR A 86 22.94 -5.03 -5.61
N LEU A 87 23.40 -4.17 -6.53
CA LEU A 87 23.44 -2.75 -6.23
C LEU A 87 22.03 -2.18 -6.14
N LYS A 88 21.12 -2.63 -7.01
CA LYS A 88 19.73 -2.20 -6.89
C LYS A 88 19.18 -2.52 -5.50
N GLU A 89 19.50 -3.72 -5.00
CA GLU A 89 18.99 -4.11 -3.69
C GLU A 89 19.63 -3.29 -2.57
N MET A 90 20.86 -2.83 -2.77
CA MET A 90 21.50 -1.95 -1.80
C MET A 90 21.04 -0.50 -1.93
N GLN A 91 20.09 -0.21 -2.81
CA GLN A 91 19.55 1.13 -3.03
C GLN A 91 20.49 2.02 -3.82
N ASP A 92 21.50 1.45 -4.47
CA ASP A 92 22.43 2.20 -5.31
C ASP A 92 21.92 2.15 -6.74
N VAL A 93 20.93 2.99 -7.03
CA VAL A 93 20.22 2.91 -8.31
C VAL A 93 21.15 3.31 -9.46
N GLN A 94 21.91 4.39 -9.30
CA GLN A 94 22.85 4.80 -10.34
C GLN A 94 23.89 3.71 -10.62
N GLY A 95 24.47 3.13 -9.57
CA GLY A 95 25.37 1.99 -9.77
C GLY A 95 24.71 0.86 -10.52
N ALA A 96 23.47 0.51 -10.16
CA ALA A 96 22.77 -0.54 -10.91
C ALA A 96 22.66 -0.17 -12.38
N LEU A 97 22.26 1.07 -12.69
CA LEU A 97 22.09 1.48 -14.09
C LEU A 97 23.39 1.39 -14.87
N GLN A 98 24.49 1.84 -14.27
CA GLN A 98 25.79 1.77 -14.93
C GLN A 98 26.17 0.33 -15.24
N CYS A 99 25.84 -0.61 -14.34
CA CYS A 99 26.13 -2.03 -14.59
C CYS A 99 25.26 -2.60 -15.70
N TYR A 100 23.95 -2.31 -15.66
CA TYR A 100 23.06 -2.83 -16.70
C TYR A 100 23.43 -2.28 -18.06
N THR A 101 23.74 -0.97 -18.13
CA THR A 101 24.02 -0.39 -19.44
C THR A 101 25.34 -0.91 -19.98
N ARG A 102 26.28 -1.24 -19.09
CA ARG A 102 27.52 -1.87 -19.53
C ARG A 102 27.27 -3.30 -20.03
N ALA A 103 26.38 -4.05 -19.35
CA ALA A 103 26.11 -5.42 -19.79
C ALA A 103 25.47 -5.44 -21.17
N ILE A 104 24.55 -4.49 -21.43
CA ILE A 104 23.86 -4.42 -22.71
C ILE A 104 24.80 -3.90 -23.78
N GLN A 105 25.73 -3.01 -23.41
CA GLN A 105 26.74 -2.59 -24.37
C GLN A 105 27.61 -3.78 -24.78
N ILE A 106 28.00 -4.62 -23.84
CA ILE A 106 28.77 -5.81 -24.17
C ILE A 106 27.96 -6.73 -25.07
N ASN A 107 26.72 -7.02 -24.66
CA ASN A 107 25.89 -8.01 -25.35
C ASN A 107 24.50 -7.43 -25.55
N PRO A 108 24.23 -6.81 -26.69
CA PRO A 108 22.88 -6.24 -26.93
C PRO A 108 21.77 -7.27 -26.94
N ALA A 109 22.10 -8.56 -27.11
CA ALA A 109 21.10 -9.62 -27.13
C ALA A 109 20.91 -10.27 -25.76
N PHE A 110 21.35 -9.60 -24.70
CA PHE A 110 21.32 -10.17 -23.34
C PHE A 110 19.93 -9.91 -22.75
N ALA A 111 19.02 -10.88 -22.88
CA ALA A 111 17.63 -10.63 -22.47
C ALA A 111 17.50 -10.27 -20.99
N ASP A 112 18.24 -10.98 -20.12
CA ASP A 112 18.10 -10.72 -18.68
C ASP A 112 18.50 -9.30 -18.33
N ALA A 113 19.55 -8.77 -18.97
CA ALA A 113 19.96 -7.42 -18.62
C ALA A 113 18.91 -6.40 -19.04
N HIS A 114 18.32 -6.59 -20.22
CA HIS A 114 17.22 -5.71 -20.65
C HIS A 114 16.08 -5.72 -19.66
N SER A 115 15.70 -6.90 -19.16
CA SER A 115 14.63 -7.01 -18.17
C SER A 115 15.02 -6.35 -16.86
N ASN A 116 16.27 -6.52 -16.41
CA ASN A 116 16.66 -5.91 -15.15
C ASN A 116 16.71 -4.39 -15.27
N LEU A 117 17.19 -3.90 -16.43
CA LEU A 117 17.13 -2.46 -16.70
C LEU A 117 15.68 -1.97 -16.64
N ALA A 118 14.76 -2.71 -17.26
CA ALA A 118 13.37 -2.33 -17.25
C ALA A 118 12.86 -2.15 -15.82
N SER A 119 13.33 -2.99 -14.88
CA SER A 119 12.84 -2.88 -13.52
C SER A 119 13.27 -1.57 -12.88
N ILE A 120 14.40 -0.99 -13.30
CA ILE A 120 14.79 0.33 -12.80
C ILE A 120 13.84 1.39 -13.33
N HIS A 121 13.57 1.37 -14.64
CA HIS A 121 12.59 2.32 -15.20
C HIS A 121 11.23 2.17 -14.53
N LYS A 122 10.80 0.94 -14.27
CA LYS A 122 9.52 0.74 -13.61
C LYS A 122 9.49 1.44 -12.26
N ASP A 123 10.53 1.22 -11.45
CA ASP A 123 10.56 1.77 -10.11
C ASP A 123 10.80 3.27 -10.11
N SER A 124 11.29 3.83 -11.20
CA SER A 124 11.58 5.26 -11.26
C SER A 124 10.40 6.08 -11.74
N GLY A 125 9.31 5.44 -12.14
CA GLY A 125 8.17 6.16 -12.69
C GLY A 125 8.22 6.36 -14.19
N ASN A 126 9.12 5.68 -14.89
CA ASN A 126 9.27 5.81 -16.33
C ASN A 126 8.68 4.54 -16.94
N ILE A 127 7.35 4.47 -16.96
CA ILE A 127 6.68 3.23 -17.35
C ILE A 127 6.82 3.01 -18.86
N PRO A 128 6.74 4.04 -19.70
CA PRO A 128 6.98 3.80 -21.14
C PRO A 128 8.32 3.14 -21.42
N GLU A 129 9.38 3.55 -20.73
CA GLU A 129 10.69 2.96 -21.01
C GLU A 129 10.78 1.55 -20.43
N ALA A 130 10.18 1.34 -19.26
CA ALA A 130 10.12 -0.01 -18.71
C ALA A 130 9.42 -0.96 -19.68
N ILE A 131 8.29 -0.51 -20.25
CA ILE A 131 7.57 -1.34 -21.19
C ILE A 131 8.42 -1.65 -22.39
N ALA A 132 9.14 -0.64 -22.91
CA ALA A 132 9.99 -0.88 -24.08
C ALA A 132 11.08 -1.89 -23.77
N SER A 133 11.70 -1.80 -22.58
CA SER A 133 12.78 -2.72 -22.25
C SER A 133 12.28 -4.12 -21.94
N TYR A 134 11.14 -4.25 -21.26
CA TYR A 134 10.58 -5.59 -21.06
C TYR A 134 10.20 -6.23 -22.40
N ARG A 135 9.69 -5.42 -23.33
CA ARG A 135 9.34 -5.98 -24.64
C ARG A 135 10.59 -6.41 -25.42
N THR A 136 11.71 -5.70 -25.26
CA THR A 136 12.94 -6.18 -25.87
C THR A 136 13.38 -7.49 -25.25
N ALA A 137 13.25 -7.62 -23.93
CA ALA A 137 13.62 -8.85 -23.24
C ALA A 137 12.80 -10.04 -23.75
N LEU A 138 11.49 -9.84 -23.91
CA LEU A 138 10.62 -10.94 -24.36
C LEU A 138 10.83 -11.25 -25.84
N LYS A 139 11.21 -10.25 -26.64
CA LYS A 139 11.61 -10.53 -28.02
C LYS A 139 12.85 -11.42 -28.06
N LEU A 140 13.82 -11.14 -27.20
CA LEU A 140 15.06 -11.92 -27.20
C LEU A 140 14.85 -13.28 -26.58
N LYS A 141 14.02 -13.37 -25.54
CA LYS A 141 13.82 -14.62 -24.79
C LYS A 141 12.33 -14.79 -24.56
N PRO A 142 11.63 -15.41 -25.52
CA PRO A 142 10.16 -15.40 -25.45
C PRO A 142 9.58 -16.11 -24.23
N ASP A 143 10.28 -17.11 -23.67
CA ASP A 143 9.86 -17.77 -22.43
C ASP A 143 10.61 -17.10 -21.28
N PHE A 144 9.99 -16.08 -20.67
CA PHE A 144 10.67 -15.26 -19.68
C PHE A 144 9.67 -14.78 -18.63
N PRO A 145 9.40 -15.61 -17.62
CA PRO A 145 8.30 -15.28 -16.69
C PRO A 145 8.47 -13.97 -15.91
N ASP A 146 9.67 -13.65 -15.42
CA ASP A 146 9.86 -12.38 -14.71
C ASP A 146 9.52 -11.20 -15.61
N ALA A 147 10.04 -11.21 -16.83
CA ALA A 147 9.76 -10.11 -17.75
C ALA A 147 8.29 -10.04 -18.12
N TYR A 148 7.66 -11.20 -18.40
CA TYR A 148 6.26 -11.17 -18.79
C TYR A 148 5.39 -10.62 -17.67
N CYS A 149 5.61 -11.08 -16.44
CA CYS A 149 4.74 -10.66 -15.34
C CYS A 149 4.98 -9.20 -14.94
N ASN A 150 6.24 -8.75 -15.00
CA ASN A 150 6.48 -7.35 -14.66
C ASN A 150 6.00 -6.43 -15.78
N LEU A 151 6.07 -6.88 -17.02
CA LEU A 151 5.42 -6.13 -18.10
C LEU A 151 3.92 -6.05 -17.84
N ALA A 152 3.30 -7.18 -17.47
CA ALA A 152 1.86 -7.19 -17.19
C ALA A 152 1.50 -6.15 -16.13
N HIS A 153 2.33 -6.01 -15.11
CA HIS A 153 2.02 -5.01 -14.09
C HIS A 153 2.23 -3.59 -14.61
N CYS A 154 3.23 -3.38 -15.47
CA CYS A 154 3.36 -2.09 -16.14
C CYS A 154 2.08 -1.75 -16.90
N LEU A 155 1.53 -2.73 -17.61
CA LEU A 155 0.32 -2.47 -18.37
C LEU A 155 -0.88 -2.26 -17.44
N GLN A 156 -0.92 -2.99 -16.33
CA GLN A 156 -1.94 -2.71 -15.32
C GLN A 156 -1.83 -1.26 -14.84
N ILE A 157 -0.62 -0.77 -14.63
CA ILE A 157 -0.40 0.55 -14.04
C ILE A 157 -0.97 1.65 -14.92
N VAL A 158 -0.78 1.54 -16.24
CA VAL A 158 -1.25 2.58 -17.16
C VAL A 158 -2.60 2.23 -17.76
N CYS A 159 -3.25 1.18 -17.28
CA CYS A 159 -4.57 0.77 -17.76
C CYS A 159 -4.55 0.50 -19.26
N ASP A 160 -3.48 -0.14 -19.72
CA ASP A 160 -3.44 -0.65 -21.09
C ASP A 160 -4.06 -2.04 -21.05
N TRP A 161 -5.27 -2.18 -21.62
CA TRP A 161 -5.98 -3.45 -21.53
C TRP A 161 -5.98 -4.20 -22.86
N THR A 162 -5.00 -3.91 -23.73
CA THR A 162 -4.89 -4.62 -25.00
CA THR A 162 -4.91 -4.62 -24.99
C THR A 162 -4.72 -6.11 -24.73
N ASP A 163 -5.63 -6.92 -25.28
CA ASP A 163 -5.53 -8.38 -25.13
C ASP A 163 -5.44 -8.77 -23.65
N TYR A 164 -6.20 -8.05 -22.82
CA TYR A 164 -6.18 -8.27 -21.38
C TYR A 164 -6.62 -9.69 -21.03
N ASP A 165 -7.64 -10.20 -21.73
CA ASP A 165 -8.08 -11.58 -21.47
C ASP A 165 -6.94 -12.58 -21.69
N GLU A 166 -6.20 -12.46 -22.79
CA GLU A 166 -5.12 -13.40 -23.03
C GLU A 166 -3.99 -13.20 -22.03
N ARG A 167 -3.79 -11.96 -21.58
CA ARG A 167 -2.77 -11.64 -20.60
C ARG A 167 -3.04 -12.35 -19.27
N MET A 168 -4.29 -12.30 -18.79
CA MET A 168 -4.62 -12.96 -17.53
C MET A 168 -4.46 -14.48 -17.65
N LYS A 169 -4.83 -15.04 -18.81
CA LYS A 169 -4.65 -16.47 -19.03
C LYS A 169 -3.18 -16.87 -18.91
N LYS A 170 -2.29 -16.11 -19.54
CA LYS A 170 -0.88 -16.47 -19.49
C LYS A 170 -0.29 -16.26 -18.09
N LEU A 171 -0.65 -15.15 -17.43
CA LEU A 171 -0.21 -14.95 -16.05
C LEU A 171 -0.55 -16.15 -15.19
N VAL A 172 -1.80 -16.61 -15.26
CA VAL A 172 -2.21 -17.75 -14.44
C VAL A 172 -1.41 -18.99 -14.82
N SER A 173 -1.24 -19.21 -16.13
CA SER A 173 -0.47 -20.35 -16.62
C SER A 173 0.96 -20.33 -16.12
N ILE A 174 1.59 -19.15 -16.13
CA ILE A 174 2.95 -19.02 -15.62
C ILE A 174 3.02 -19.42 -14.15
N VAL A 175 2.14 -18.83 -13.33
CA VAL A 175 2.15 -19.13 -11.90
C VAL A 175 1.92 -20.62 -11.68
N ALA A 176 0.96 -21.21 -12.41
CA ALA A 176 0.69 -22.64 -12.23
C ALA A 176 1.94 -23.47 -12.52
N ASP A 177 2.68 -23.10 -13.55
CA ASP A 177 3.87 -23.88 -13.91
C ASP A 177 4.97 -23.71 -12.87
N GLN A 178 5.18 -22.49 -12.39
CA GLN A 178 6.22 -22.24 -11.39
C GLN A 178 5.90 -22.93 -10.07
N LEU A 179 4.64 -22.87 -9.63
CA LEU A 179 4.25 -23.59 -8.42
C LEU A 179 4.42 -25.09 -8.59
N GLU A 180 4.08 -25.63 -9.77
CA GLU A 180 4.22 -27.06 -9.98
C GLU A 180 5.68 -27.48 -10.00
N LYS A 181 6.56 -26.62 -10.51
CA LYS A 181 7.98 -26.93 -10.61
C LYS A 181 8.77 -26.43 -9.40
N ASN A 182 8.10 -26.08 -8.31
CA ASN A 182 8.75 -25.67 -7.08
C ASN A 182 9.74 -24.53 -7.32
N ARG A 183 9.25 -23.46 -7.96
CA ARG A 183 10.04 -22.27 -8.20
C ARG A 183 9.30 -21.07 -7.64
N LEU A 184 10.05 -20.00 -7.41
CA LEU A 184 9.47 -18.75 -6.89
C LEU A 184 8.58 -18.12 -7.96
N PRO A 185 7.30 -17.89 -7.70
CA PRO A 185 6.44 -17.31 -8.73
C PRO A 185 6.88 -15.90 -9.11
N SER A 186 6.74 -15.58 -10.40
CA SER A 186 7.13 -14.26 -10.87
C SER A 186 6.09 -13.18 -10.56
N VAL A 187 4.92 -13.54 -10.05
CA VAL A 187 3.95 -12.56 -9.57
C VAL A 187 4.23 -12.31 -8.10
N HIS A 188 4.31 -11.02 -7.73
CA HIS A 188 4.57 -10.63 -6.34
C HIS A 188 3.30 -10.79 -5.50
N PRO A 189 3.43 -11.17 -4.22
CA PRO A 189 2.21 -11.41 -3.41
C PRO A 189 1.28 -10.21 -3.34
N HIS A 190 1.83 -9.00 -3.29
CA HIS A 190 0.99 -7.82 -3.16
C HIS A 190 0.24 -7.50 -4.46
N HIS A 191 0.64 -8.11 -5.56
CA HIS A 191 -0.01 -7.93 -6.86
C HIS A 191 -0.96 -9.07 -7.19
N SER A 192 -0.83 -10.22 -6.50
CA SER A 192 -1.63 -11.39 -6.85
C SER A 192 -3.12 -11.13 -6.66
N MET A 193 -3.47 -10.18 -5.81
CA MET A 193 -4.86 -9.82 -5.61
C MET A 193 -5.51 -9.22 -6.86
N LEU A 194 -4.71 -8.74 -7.81
CA LEU A 194 -5.21 -8.05 -9.00
C LEU A 194 -5.55 -8.99 -10.15
N TYR A 195 -5.17 -10.25 -10.05
CA TYR A 195 -5.30 -11.18 -11.17
C TYR A 195 -6.19 -12.35 -10.79
N PRO A 196 -6.89 -12.98 -11.76
CA PRO A 196 -7.84 -14.05 -11.43
C PRO A 196 -7.16 -15.38 -11.10
N LEU A 197 -6.33 -15.36 -10.06
CA LEU A 197 -5.70 -16.56 -9.50
C LEU A 197 -6.57 -17.16 -8.40
N SER A 198 -6.47 -18.48 -8.22
CA SER A 198 -7.18 -19.13 -7.13
C SER A 198 -6.63 -18.65 -5.79
N HIS A 199 -7.41 -18.85 -4.73
CA HIS A 199 -6.92 -18.50 -3.40
C HIS A 199 -5.72 -19.37 -3.02
N GLY A 200 -5.76 -20.65 -3.40
CA GLY A 200 -4.60 -21.51 -3.17
C GLY A 200 -3.33 -20.94 -3.79
N PHE A 201 -3.42 -20.50 -5.05
CA PHE A 201 -2.25 -19.93 -5.71
C PHE A 201 -1.78 -18.66 -5.00
N ARG A 202 -2.72 -17.81 -4.57
CA ARG A 202 -2.30 -16.57 -3.91
C ARG A 202 -1.59 -16.86 -2.59
N LYS A 203 -2.12 -17.79 -1.80
CA LYS A 203 -1.45 -18.16 -0.56
C LYS A 203 -0.10 -18.82 -0.83
N ALA A 204 -0.01 -19.62 -1.90
CA ALA A 204 1.26 -20.29 -2.22
C ALA A 204 2.30 -19.27 -2.68
N ILE A 205 1.89 -18.29 -3.49
CA ILE A 205 2.79 -17.20 -3.85
C ILE A 205 3.36 -16.56 -2.58
N ALA A 206 2.49 -16.21 -1.65
CA ALA A 206 2.93 -15.57 -0.41
C ALA A 206 3.90 -16.48 0.35
N GLU A 207 3.57 -17.76 0.48
CA GLU A 207 4.45 -18.68 1.20
C GLU A 207 5.82 -18.75 0.56
N ARG A 208 5.87 -18.78 -0.77
CA ARG A 208 7.16 -18.86 -1.46
C ARG A 208 7.98 -17.59 -1.29
N HIS A 209 7.33 -16.43 -1.24
CA HIS A 209 8.08 -15.21 -0.99
C HIS A 209 8.58 -15.16 0.45
N GLY A 210 7.76 -15.63 1.40
CA GLY A 210 8.24 -15.71 2.77
C GLY A 210 9.43 -16.63 2.92
N ASN A 211 9.49 -17.67 2.09
CA ASN A 211 10.61 -18.61 2.18
C ASN A 211 11.93 -17.95 1.81
N LEU A 212 11.90 -16.86 1.04
CA LEU A 212 13.13 -16.13 0.76
C LEU A 212 13.78 -15.65 2.06
N CYS A 213 12.96 -15.26 3.04
CA CYS A 213 13.49 -14.81 4.31
C CYS A 213 14.25 -15.91 5.02
N LEU A 214 13.79 -17.15 4.88
CA LEU A 214 14.45 -18.27 5.54
C LEU A 214 15.88 -18.44 5.03
N ASP A 215 16.08 -18.32 3.71
CA ASP A 215 17.44 -18.40 3.17
C ASP A 215 18.35 -17.35 3.80
N LYS A 216 17.80 -16.20 4.17
CA LYS A 216 18.62 -15.12 4.74
C LYS A 216 18.86 -15.25 6.24
N ILE A 217 18.04 -16.01 6.98
CA ILE A 217 18.29 -16.14 8.41
C ILE A 217 19.03 -17.44 8.70
N ASN A 218 18.85 -18.46 7.85
CA ASN A 218 19.54 -19.74 8.09
C ASN A 218 21.05 -19.56 8.17
N VAL A 219 21.61 -18.62 7.40
CA VAL A 219 23.05 -18.41 7.44
C VAL A 219 23.52 -17.85 8.78
N LEU A 220 22.60 -17.40 9.63
CA LEU A 220 22.95 -16.88 10.95
C LEU A 220 23.12 -17.98 11.98
N HIS A 221 22.62 -19.19 11.72
CA HIS A 221 22.76 -20.32 12.62
C HIS A 221 22.41 -19.94 14.05
N LYS A 222 21.26 -19.28 14.21
CA LYS A 222 20.81 -18.91 15.55
C LYS A 222 19.85 -19.97 16.10
N PRO A 223 19.97 -20.30 17.38
CA PRO A 223 19.06 -21.27 17.98
C PRO A 223 17.69 -20.65 18.22
N PRO A 224 16.70 -21.45 18.60
CA PRO A 224 15.39 -20.86 18.93
C PRO A 224 15.48 -20.02 20.19
N TYR A 225 14.64 -18.99 20.24
CA TYR A 225 14.61 -18.13 21.42
C TYR A 225 13.75 -18.76 22.51
N GLU A 226 14.14 -18.54 23.77
CA GLU A 226 13.27 -18.85 24.90
C GLU A 226 12.30 -17.70 25.15
N HIS A 227 11.00 -18.02 25.23
CA HIS A 227 9.98 -16.96 25.30
C HIS A 227 9.39 -16.88 26.70
N PRO A 228 9.04 -15.68 27.16
CA PRO A 228 8.42 -15.56 28.47
C PRO A 228 7.12 -16.35 28.51
N LYS A 229 6.79 -16.88 29.69
CA LYS A 229 5.54 -17.61 29.88
C LYS A 229 4.64 -16.97 30.93
N ASP A 230 4.98 -15.79 31.43
CA ASP A 230 4.15 -15.05 32.36
C ASP A 230 4.43 -13.57 32.17
N LEU A 231 3.79 -12.74 33.01
CA LEU A 231 4.00 -11.30 32.99
C LEU A 231 4.74 -10.81 34.22
N LYS A 232 5.43 -11.72 34.93
CA LYS A 232 6.09 -11.33 36.18
C LYS A 232 7.21 -10.32 35.93
N LEU A 233 8.09 -10.61 34.97
CA LEU A 233 9.22 -9.72 34.70
C LEU A 233 8.77 -8.35 34.21
N SER A 234 7.52 -8.23 33.74
CA SER A 234 6.98 -6.96 33.25
C SER A 234 5.92 -6.37 34.17
N ASP A 235 5.92 -6.75 35.45
CA ASP A 235 5.01 -6.16 36.44
C ASP A 235 3.54 -6.32 36.03
N GLY A 236 3.21 -7.48 35.47
CA GLY A 236 1.86 -7.74 35.03
C GLY A 236 1.48 -7.09 33.71
N ARG A 237 2.39 -6.37 33.07
CA ARG A 237 2.09 -5.67 31.83
C ARG A 237 2.43 -6.56 30.64
N LEU A 238 1.56 -6.55 29.64
CA LEU A 238 1.83 -7.29 28.42
C LEU A 238 2.68 -6.41 27.51
N ARG A 239 3.81 -6.95 27.04
CA ARG A 239 4.75 -6.19 26.22
C ARG A 239 4.42 -6.42 24.75
N VAL A 240 3.96 -5.35 24.07
CA VAL A 240 3.58 -5.39 22.66
C VAL A 240 4.64 -4.65 21.85
N GLY A 241 5.17 -5.30 20.81
CA GLY A 241 6.08 -4.63 19.91
C GLY A 241 5.52 -4.41 18.52
N TYR A 242 5.42 -3.15 18.09
CA TYR A 242 5.01 -2.81 16.73
C TYR A 242 6.26 -2.61 15.87
N VAL A 243 6.36 -3.40 14.80
CA VAL A 243 7.50 -3.34 13.89
C VAL A 243 7.03 -2.73 12.58
N SER A 244 7.63 -1.62 12.18
CA SER A 244 7.21 -0.97 10.94
C SER A 244 8.35 -0.16 10.32
N SER A 245 8.42 -0.19 8.98
CA SER A 245 9.24 0.74 8.24
C SER A 245 8.58 2.11 8.04
N ASP A 246 7.36 2.31 8.57
CA ASP A 246 6.51 3.42 8.14
C ASP A 246 6.11 4.34 9.28
N PHE A 247 6.95 4.43 10.31
CA PHE A 247 6.81 5.47 11.34
C PHE A 247 7.43 6.74 10.78
N GLY A 248 6.58 7.55 10.15
CA GLY A 248 6.99 8.70 9.37
C GLY A 248 5.85 9.10 8.44
N ASN A 249 6.18 9.88 7.42
CA ASN A 249 5.14 10.38 6.50
C ASN A 249 4.83 9.26 5.52
N HIS A 250 3.88 8.41 5.89
CA HIS A 250 3.46 7.24 5.14
C HIS A 250 2.05 6.91 5.59
N PRO A 251 1.19 6.39 4.70
CA PRO A 251 -0.22 6.23 5.08
C PRO A 251 -0.43 5.39 6.33
N THR A 252 0.45 4.43 6.63
CA THR A 252 0.23 3.60 7.81
C THR A 252 0.29 4.43 9.10
N SER A 253 1.18 5.43 9.16
CA SER A 253 1.16 6.35 10.30
C SER A 253 -0.09 7.21 10.29
N HIS A 254 -0.54 7.64 9.10
CA HIS A 254 -1.79 8.39 9.01
C HIS A 254 -2.98 7.60 9.54
N LEU A 255 -2.86 6.28 9.63
CA LEU A 255 -3.92 5.41 10.15
C LEU A 255 -3.80 5.21 11.66
N MET A 256 -2.61 4.87 12.16
CA MET A 256 -2.47 4.36 13.52
C MET A 256 -1.52 5.16 14.41
N GLN A 257 -1.02 6.33 13.98
CA GLN A 257 -0.04 7.05 14.80
C GLN A 257 -0.53 7.33 16.21
N SER A 258 -1.86 7.37 16.45
CA SER A 258 -2.36 7.63 17.80
C SER A 258 -2.40 6.39 18.68
N ILE A 259 -2.30 5.19 18.10
CA ILE A 259 -2.60 3.99 18.88
C ILE A 259 -1.54 3.69 19.94
N PRO A 260 -0.23 3.82 19.67
CA PRO A 260 0.74 3.54 20.75
C PRO A 260 0.50 4.38 22.00
N GLY A 261 0.25 5.68 21.84
CA GLY A 261 0.03 6.51 23.01
C GLY A 261 -1.30 6.30 23.71
N MET A 262 -2.23 5.60 23.06
CA MET A 262 -3.53 5.35 23.67
C MET A 262 -3.59 4.02 24.42
N HIS A 263 -2.58 3.18 24.29
CA HIS A 263 -2.52 1.98 25.11
C HIS A 263 -2.54 2.33 26.59
N ASN A 264 -3.15 1.45 27.36
CA ASN A 264 -3.30 1.61 28.80
C ASN A 264 -2.01 1.18 29.49
N PRO A 265 -1.25 2.11 30.08
CA PRO A 265 0.07 1.75 30.63
C PRO A 265 0.00 0.92 31.89
N ASP A 266 -1.18 0.79 32.49
CA ASP A 266 -1.35 -0.09 33.64
C ASP A 266 -1.35 -1.57 33.25
N LYS A 267 -1.70 -1.89 32.00
CA LYS A 267 -1.76 -3.28 31.56
C LYS A 267 -0.88 -3.58 30.36
N PHE A 268 -0.28 -2.58 29.72
CA PHE A 268 0.49 -2.77 28.50
C PHE A 268 1.74 -1.92 28.52
N GLU A 269 2.80 -2.46 27.93
CA GLU A 269 4.06 -1.76 27.72
C GLU A 269 4.36 -1.82 26.23
N VAL A 270 4.47 -0.66 25.59
CA VAL A 270 4.47 -0.55 24.14
C VAL A 270 5.87 -0.25 23.64
N PHE A 271 6.36 -1.09 22.74
CA PHE A 271 7.66 -0.95 22.09
C PHE A 271 7.43 -0.75 20.61
N CYS A 272 7.94 0.34 20.06
CA CYS A 272 7.86 0.57 18.62
C CYS A 272 9.25 0.36 18.01
N TYR A 273 9.36 -0.56 17.06
CA TYR A 273 10.62 -0.87 16.39
C TYR A 273 10.55 -0.30 14.97
N ALA A 274 11.26 0.80 14.76
CA ALA A 274 11.29 1.43 13.45
C ALA A 274 12.31 0.73 12.55
N LEU A 275 11.87 0.33 11.36
CA LEU A 275 12.77 -0.20 10.36
C LEU A 275 13.31 0.88 9.42
N SER A 276 12.92 2.13 9.60
CA SER A 276 13.35 3.26 8.79
C SER A 276 13.99 4.32 9.66
N PRO A 277 14.92 5.11 9.12
CA PRO A 277 15.47 6.23 9.88
C PRO A 277 14.44 7.34 10.03
N ASP A 278 14.78 8.30 10.90
CA ASP A 278 13.90 9.42 11.24
C ASP A 278 13.81 10.38 10.07
N ASP A 279 12.62 10.52 9.47
CA ASP A 279 12.46 11.42 8.33
C ASP A 279 12.14 12.85 8.76
N GLY A 280 12.18 13.14 10.06
CA GLY A 280 12.00 14.49 10.54
C GLY A 280 10.57 15.01 10.61
N THR A 281 9.56 14.19 10.28
CA THR A 281 8.18 14.65 10.28
C THR A 281 7.55 14.52 11.66
N ASN A 282 6.42 15.22 11.86
CA ASN A 282 5.69 15.13 13.12
C ASN A 282 5.16 13.73 13.37
N PHE A 283 4.92 12.95 12.32
CA PHE A 283 4.48 11.57 12.51
C PHE A 283 5.50 10.77 13.30
N ARG A 284 6.78 10.89 12.93
CA ARG A 284 7.83 10.18 13.65
C ARG A 284 8.03 10.75 15.05
N VAL A 285 7.98 12.08 15.18
CA VAL A 285 8.08 12.71 16.50
C VAL A 285 7.02 12.14 17.45
N LYS A 286 5.79 12.04 16.95
CA LYS A 286 4.68 11.66 17.83
C LYS A 286 4.82 10.24 18.35
N VAL A 287 5.16 9.29 17.49
CA VAL A 287 5.27 7.91 17.98
C VAL A 287 6.49 7.76 18.89
N MET A 288 7.60 8.43 18.55
CA MET A 288 8.77 8.37 19.43
C MET A 288 8.46 8.95 20.80
N ALA A 289 7.62 9.98 20.87
CA ALA A 289 7.32 10.56 22.16
C ALA A 289 6.29 9.75 22.93
N GLU A 290 5.37 9.08 22.24
CA GLU A 290 4.20 8.52 22.90
C GLU A 290 4.31 7.03 23.22
N ALA A 291 5.12 6.29 22.47
CA ALA A 291 5.43 4.91 22.84
C ALA A 291 6.19 4.89 24.16
N ASN A 292 5.99 3.83 24.94
CA ASN A 292 6.81 3.68 26.15
C ASN A 292 8.28 3.54 25.79
N HIS A 293 8.57 2.83 24.70
CA HIS A 293 9.93 2.64 24.22
C HIS A 293 9.94 2.74 22.70
N PHE A 294 10.95 3.41 22.15
CA PHE A 294 11.11 3.51 20.71
C PHE A 294 12.52 3.06 20.35
N ILE A 295 12.63 2.09 19.45
CA ILE A 295 13.90 1.47 19.10
C ILE A 295 14.13 1.64 17.60
N ASP A 296 15.24 2.25 17.23
CA ASP A 296 15.55 2.52 15.82
C ASP A 296 16.37 1.35 15.28
N LEU A 297 15.68 0.35 14.74
CA LEU A 297 16.39 -0.80 14.19
C LEU A 297 17.06 -0.50 12.84
N SER A 298 16.77 0.66 12.25
CA SER A 298 17.48 1.06 11.04
C SER A 298 18.96 1.26 11.33
N GLN A 299 19.34 1.41 12.60
CA GLN A 299 20.73 1.43 13.00
C GLN A 299 21.29 0.03 13.24
N ILE A 300 20.48 -1.01 13.13
CA ILE A 300 20.92 -2.38 13.42
C ILE A 300 20.59 -3.25 12.21
N PRO A 301 21.38 -3.17 11.13
CA PRO A 301 20.99 -3.84 9.89
C PRO A 301 21.06 -5.36 9.96
N CYS A 302 21.82 -5.96 10.87
CA CYS A 302 21.85 -7.42 10.97
C CYS A 302 20.56 -7.92 11.61
N ASN A 303 19.85 -8.82 10.91
CA ASN A 303 18.58 -9.29 11.43
C ASN A 303 18.78 -10.15 12.67
N GLY A 304 19.93 -10.82 12.78
CA GLY A 304 20.24 -11.56 13.98
C GLY A 304 20.41 -10.66 15.18
N LYS A 305 21.17 -9.58 15.03
CA LYS A 305 21.34 -8.62 16.12
C LYS A 305 20.03 -7.88 16.42
N ALA A 306 19.27 -7.55 15.39
CA ALA A 306 18.00 -6.85 15.61
C ALA A 306 17.01 -7.75 16.34
N ALA A 307 16.88 -9.01 15.93
CA ALA A 307 16.00 -9.93 16.65
C ALA A 307 16.44 -10.13 18.09
N ASP A 308 17.76 -10.25 18.33
CA ASP A 308 18.25 -10.30 19.71
C ASP A 308 17.72 -9.12 20.54
N ARG A 309 17.72 -7.93 19.96
CA ARG A 309 17.22 -6.75 20.68
C ARG A 309 15.76 -6.91 21.06
N ILE A 310 14.93 -7.34 20.11
CA ILE A 310 13.52 -7.54 20.40
C ILE A 310 13.34 -8.54 21.54
N HIS A 311 14.08 -9.66 21.46
CA HIS A 311 13.97 -10.70 22.48
C HIS A 311 14.45 -10.18 23.83
N GLN A 312 15.48 -9.35 23.84
CA GLN A 312 15.98 -8.82 25.09
C GLN A 312 14.98 -7.88 25.75
N ASP A 313 14.11 -7.25 24.96
CA ASP A 313 13.06 -6.41 25.53
C ASP A 313 11.91 -7.23 26.10
N GLY A 314 11.86 -8.53 25.85
CA GLY A 314 10.86 -9.38 26.46
C GLY A 314 9.49 -9.29 25.82
N ILE A 315 9.43 -9.16 24.50
CA ILE A 315 8.16 -8.91 23.82
C ILE A 315 7.29 -10.16 23.88
N HIS A 316 6.02 -9.98 24.26
CA HIS A 316 5.04 -11.07 24.26
C HIS A 316 4.34 -11.21 22.89
N ILE A 317 3.89 -10.10 22.32
CA ILE A 317 3.22 -10.09 21.02
C ILE A 317 3.95 -9.11 20.13
N LEU A 318 4.50 -9.61 19.01
CA LEU A 318 5.21 -8.80 18.03
C LEU A 318 4.29 -8.64 16.81
N VAL A 319 4.10 -7.41 16.36
CA VAL A 319 3.10 -7.09 15.33
C VAL A 319 3.81 -6.70 14.04
N ASN A 320 3.54 -7.46 12.97
CA ASN A 320 4.14 -7.22 11.65
C ASN A 320 3.25 -6.25 10.86
N MET A 321 3.71 -5.02 10.68
CA MET A 321 2.92 -4.00 10.00
C MET A 321 3.32 -3.82 8.53
N ASN A 322 4.30 -4.59 8.03
CA ASN A 322 4.75 -4.48 6.65
C ASN A 322 4.23 -5.58 5.74
N GLY A 323 4.20 -6.82 6.20
CA GLY A 323 4.06 -7.91 5.24
C GLY A 323 4.97 -7.71 4.05
N TYR A 324 4.49 -7.98 2.84
CA TYR A 324 5.32 -7.88 1.63
C TYR A 324 5.17 -6.49 0.99
N THR A 325 5.74 -5.50 1.69
CA THR A 325 5.79 -4.14 1.19
C THR A 325 7.22 -3.61 1.34
N LYS A 326 7.48 -2.51 0.65
CA LYS A 326 8.76 -1.82 0.75
C LYS A 326 9.12 -1.57 2.21
N GLY A 327 10.39 -1.83 2.54
CA GLY A 327 10.89 -1.59 3.87
C GLY A 327 10.77 -2.76 4.82
N ALA A 328 10.08 -3.83 4.44
CA ALA A 328 9.89 -4.97 5.34
C ALA A 328 11.22 -5.62 5.69
N ARG A 329 11.27 -6.18 6.90
CA ARG A 329 12.36 -7.06 7.34
C ARG A 329 11.72 -8.28 7.99
N ASN A 330 10.98 -9.03 7.19
CA ASN A 330 10.28 -10.21 7.72
C ASN A 330 11.25 -11.27 8.24
N GLU A 331 12.54 -11.15 7.92
CA GLU A 331 13.55 -12.00 8.57
C GLU A 331 13.44 -11.92 10.09
N LEU A 332 13.08 -10.74 10.61
CA LEU A 332 12.95 -10.59 12.07
C LEU A 332 11.85 -11.50 12.62
N PHE A 333 10.76 -11.65 11.87
CA PHE A 333 9.70 -12.56 12.31
C PHE A 333 10.05 -14.02 12.06
N ALA A 334 10.81 -14.30 11.00
CA ALA A 334 11.23 -15.67 10.75
C ALA A 334 12.10 -16.21 11.88
N LEU A 335 12.86 -15.33 12.55
CA LEU A 335 13.66 -15.74 13.69
C LEU A 335 12.83 -15.96 14.96
N ARG A 336 11.58 -15.49 14.98
CA ARG A 336 10.64 -15.73 16.08
C ARG A 336 11.20 -15.28 17.43
N PRO A 337 11.54 -14.00 17.58
CA PRO A 337 11.98 -13.52 18.90
C PRO A 337 10.86 -13.44 19.94
N ALA A 338 9.60 -13.59 19.53
CA ALA A 338 8.45 -13.46 20.43
C ALA A 338 7.57 -14.70 20.32
N PRO A 339 6.84 -15.05 21.40
CA PRO A 339 6.00 -16.25 21.35
C PRO A 339 4.74 -16.10 20.51
N ILE A 340 4.27 -14.88 20.26
CA ILE A 340 3.07 -14.64 19.47
C ILE A 340 3.37 -13.55 18.45
N GLN A 341 3.10 -13.83 17.18
CA GLN A 341 3.40 -12.86 16.11
C GLN A 341 2.18 -12.70 15.21
N ALA A 342 1.72 -11.46 15.04
CA ALA A 342 0.47 -11.17 14.36
C ALA A 342 0.69 -10.20 13.20
N MET A 343 -0.01 -10.43 12.09
CA MET A 343 -0.11 -9.46 11.00
C MET A 343 -1.16 -8.42 11.35
N TRP A 344 -0.89 -7.15 11.04
CA TRP A 344 -1.84 -6.10 11.40
C TRP A 344 -1.70 -4.89 10.48
N LEU A 345 -2.77 -4.61 9.71
CA LEU A 345 -3.11 -3.29 9.16
C LEU A 345 -2.31 -2.88 7.92
N GLY A 346 -0.99 -3.12 7.90
CA GLY A 346 -0.19 -2.58 6.83
C GLY A 346 -0.22 -3.36 5.54
N TYR A 347 -0.52 -4.67 5.60
CA TYR A 347 -0.45 -5.53 4.42
C TYR A 347 -1.79 -6.23 4.25
N PRO A 348 -2.50 -6.00 3.13
CA PRO A 348 -3.86 -6.58 2.95
C PRO A 348 -3.82 -7.99 2.37
N GLY A 349 -3.35 -8.94 3.19
CA GLY A 349 -3.34 -10.32 2.75
C GLY A 349 -2.52 -11.17 3.70
N THR A 350 -2.45 -12.45 3.34
CA THR A 350 -1.76 -13.42 4.18
C THR A 350 -0.25 -13.36 3.91
N SER A 351 0.54 -13.64 4.96
CA SER A 351 1.97 -13.90 4.77
C SER A 351 2.22 -15.26 4.15
N GLY A 352 1.26 -16.19 4.29
CA GLY A 352 1.46 -17.56 3.85
C GLY A 352 2.57 -18.29 4.58
N ALA A 353 3.12 -17.69 5.63
CA ALA A 353 4.38 -18.15 6.23
C ALA A 353 4.14 -18.76 7.61
N LEU A 354 4.92 -19.79 7.92
CA LEU A 354 4.74 -20.49 9.19
C LEU A 354 5.05 -19.62 10.39
N PHE A 355 5.89 -18.59 10.22
CA PHE A 355 6.34 -17.84 11.38
C PHE A 355 5.37 -16.74 11.82
N MET A 356 4.25 -16.53 11.12
CA MET A 356 3.19 -15.64 11.59
C MET A 356 2.05 -16.48 12.15
N ASP A 357 1.60 -16.16 13.37
CA ASP A 357 0.56 -16.94 14.03
C ASP A 357 -0.84 -16.45 13.70
N TYR A 358 -1.03 -15.13 13.64
CA TYR A 358 -2.36 -14.54 13.52
C TYR A 358 -2.37 -13.44 12.47
N ILE A 359 -3.53 -13.21 11.87
CA ILE A 359 -3.78 -11.98 11.14
C ILE A 359 -4.96 -11.29 11.82
N ILE A 360 -4.78 -10.01 12.16
CA ILE A 360 -5.81 -9.25 12.85
C ILE A 360 -6.75 -8.70 11.79
N THR A 361 -8.02 -9.10 11.86
CA THR A 361 -9.01 -8.76 10.84
C THR A 361 -10.38 -8.63 11.49
N ASP A 362 -11.45 -8.90 10.74
CA ASP A 362 -12.79 -8.87 11.32
C ASP A 362 -13.68 -9.78 10.50
N GLN A 363 -14.88 -10.03 11.04
CA GLN A 363 -15.77 -11.01 10.44
C GLN A 363 -16.29 -10.57 9.07
N GLU A 364 -16.39 -9.25 8.85
CA GLU A 364 -16.81 -8.76 7.55
C GLU A 364 -15.68 -8.90 6.53
N THR A 365 -14.47 -8.50 6.90
CA THR A 365 -13.34 -8.58 5.97
C THR A 365 -13.00 -10.03 5.66
N SER A 366 -12.99 -10.90 6.68
CA SER A 366 -12.50 -12.27 6.56
C SER A 366 -13.49 -13.20 7.23
N PRO A 367 -14.64 -13.46 6.62
CA PRO A 367 -15.59 -14.37 7.24
C PRO A 367 -14.99 -15.76 7.36
N ALA A 368 -15.42 -16.47 8.40
CA ALA A 368 -14.78 -17.72 8.76
C ALA A 368 -14.81 -18.73 7.61
N GLU A 369 -15.79 -18.60 6.71
CA GLU A 369 -15.88 -19.58 5.62
C GLU A 369 -14.75 -19.42 4.60
N VAL A 370 -13.96 -18.35 4.68
CA VAL A 370 -12.83 -18.16 3.77
C VAL A 370 -11.50 -18.23 4.53
N ALA A 371 -11.47 -18.88 5.69
CA ALA A 371 -10.24 -18.95 6.46
C ALA A 371 -9.10 -19.57 5.66
N GLU A 372 -9.42 -20.47 4.72
CA GLU A 372 -8.40 -21.17 3.94
C GLU A 372 -7.59 -20.24 3.05
N GLN A 373 -8.05 -19.01 2.83
CA GLN A 373 -7.24 -18.04 2.09
C GLN A 373 -5.99 -17.61 2.85
N TYR A 374 -5.95 -17.83 4.16
CA TYR A 374 -4.88 -17.33 5.01
C TYR A 374 -4.13 -18.51 5.62
N SER A 375 -2.81 -18.36 5.76
CA SER A 375 -2.03 -19.32 6.54
C SER A 375 -2.16 -19.07 8.04
N GLU A 376 -2.40 -17.82 8.44
CA GLU A 376 -2.56 -17.46 9.84
C GLU A 376 -3.93 -17.88 10.38
N LYS A 377 -4.02 -17.99 11.70
CA LYS A 377 -5.32 -18.03 12.37
C LYS A 377 -5.96 -16.65 12.39
N LEU A 378 -7.29 -16.62 12.29
CA LEU A 378 -8.04 -15.36 12.27
C LEU A 378 -8.20 -14.83 13.68
N ALA A 379 -7.89 -13.55 13.87
CA ALA A 379 -8.13 -12.83 15.13
C ALA A 379 -9.02 -11.63 14.83
N TYR A 380 -10.25 -11.65 15.33
CA TYR A 380 -11.28 -10.70 14.93
C TYR A 380 -11.30 -9.47 15.83
N MET A 381 -11.19 -8.29 15.23
CA MET A 381 -11.65 -7.09 15.92
C MET A 381 -13.17 -7.04 15.85
N PRO A 382 -13.82 -6.40 16.83
CA PRO A 382 -15.29 -6.51 16.92
C PRO A 382 -16.04 -5.75 15.83
N HIS A 383 -15.46 -4.72 15.21
CA HIS A 383 -16.18 -3.97 14.19
C HIS A 383 -15.47 -4.06 12.85
N THR A 384 -14.48 -3.21 12.61
CA THR A 384 -13.55 -3.40 11.51
C THR A 384 -12.14 -3.36 12.08
N PHE A 385 -11.22 -4.08 11.43
CA PHE A 385 -9.81 -3.96 11.78
C PHE A 385 -9.20 -2.66 11.28
N PHE A 386 -9.85 -1.99 10.33
CA PHE A 386 -9.30 -0.75 9.82
C PHE A 386 -9.54 0.40 10.79
N ILE A 387 -8.64 1.38 10.76
CA ILE A 387 -8.70 2.53 11.64
C ILE A 387 -8.01 3.68 10.91
N GLY A 388 -8.32 4.90 11.32
CA GLY A 388 -7.69 6.08 10.72
C GLY A 388 -7.57 7.17 11.77
N ASP A 389 -6.57 8.04 11.59
CA ASP A 389 -6.33 9.12 12.56
C ASP A 389 -7.04 10.42 12.18
N HIS A 390 -8.02 10.34 11.27
CA HIS A 390 -8.65 11.54 10.71
C HIS A 390 -9.15 12.50 11.78
N ALA A 391 -9.71 11.99 12.88
CA ALA A 391 -10.28 12.90 13.87
C ALA A 391 -9.21 13.76 14.52
N ASN A 392 -7.99 13.22 14.66
CA ASN A 392 -6.87 13.97 15.22
C ASN A 392 -6.17 14.81 14.16
N MET A 393 -6.01 14.26 12.95
CA MET A 393 -5.28 14.94 11.88
C MET A 393 -6.11 16.04 11.20
N PHE A 394 -7.40 15.78 10.96
CA PHE A 394 -8.21 16.71 10.18
C PHE A 394 -9.45 17.17 10.93
N PRO A 395 -9.31 17.68 12.15
CA PRO A 395 -10.50 18.19 12.86
C PRO A 395 -11.10 19.41 12.20
N HIS A 396 -10.37 20.07 11.28
CA HIS A 396 -10.96 21.25 10.66
C HIS A 396 -12.09 20.89 9.69
N LEU A 397 -12.18 19.63 9.28
CA LEU A 397 -13.24 19.14 8.42
C LEU A 397 -14.45 18.65 9.21
N LYS A 398 -14.42 18.74 10.53
CA LYS A 398 -15.59 18.35 11.32
C LYS A 398 -16.78 19.25 11.03
N LYS A 399 -16.54 20.48 10.61
CA LYS A 399 -17.62 21.41 10.29
C LYS A 399 -17.37 22.01 8.92
N LYS A 400 -18.45 22.47 8.29
CA LYS A 400 -18.31 23.15 7.01
C LYS A 400 -19.39 24.20 6.89
N ALA A 401 -19.16 25.15 5.99
CA ALA A 401 -20.18 26.10 5.57
C ALA A 401 -20.09 26.22 4.06
N VAL A 402 -21.11 26.79 3.43
CA VAL A 402 -21.10 26.96 1.99
C VAL A 402 -21.49 28.39 1.65
N ILE A 403 -21.17 28.78 0.41
CA ILE A 403 -21.61 30.05 -0.16
C ILE A 403 -22.76 29.76 -1.14
N ASP A 404 -23.85 30.51 -1.01
CA ASP A 404 -25.02 30.35 -1.89
C ASP A 404 -24.83 31.27 -3.09
N PHE A 405 -24.08 30.77 -4.07
CA PHE A 405 -23.75 31.57 -5.24
C PHE A 405 -24.93 31.75 -6.18
N LYS A 406 -25.99 30.97 -6.03
CA LYS A 406 -27.21 31.16 -6.81
C LYS A 406 -27.74 32.60 -6.66
N ILE A 411 -29.66 25.38 -2.86
CA ILE A 411 -28.43 25.45 -2.08
C ILE A 411 -27.73 24.08 -2.02
N TYR A 412 -26.46 24.05 -2.41
CA TYR A 412 -25.70 22.82 -2.48
C TYR A 412 -24.74 22.72 -1.29
N ASP A 413 -24.43 21.48 -0.89
CA ASP A 413 -23.46 21.25 0.18
C ASP A 413 -22.04 21.01 -0.33
N ASN A 414 -21.78 21.08 -1.64
CA ASN A 414 -20.49 20.60 -2.15
C ASN A 414 -20.04 21.28 -3.44
N ARG A 415 -20.48 22.53 -3.68
CA ARG A 415 -20.01 23.33 -4.80
C ARG A 415 -18.96 24.35 -4.37
N ILE A 416 -19.22 25.08 -3.28
CA ILE A 416 -18.27 26.05 -2.72
C ILE A 416 -18.27 25.82 -1.21
N VAL A 417 -17.16 25.31 -0.68
CA VAL A 417 -17.09 24.83 0.70
C VAL A 417 -16.02 25.59 1.48
N LEU A 418 -16.35 25.95 2.71
CA LEU A 418 -15.40 26.50 3.64
C LEU A 418 -15.26 25.57 4.84
N ASN A 419 -14.02 25.42 5.31
CA ASN A 419 -13.72 24.66 6.52
C ASN A 419 -12.77 25.50 7.36
N GLY A 420 -12.86 25.31 8.67
CA GLY A 420 -11.89 26.00 9.51
C GLY A 420 -12.04 25.70 10.98
N ILE A 421 -10.91 25.53 11.65
CA ILE A 421 -10.90 25.34 13.09
C ILE A 421 -11.69 26.46 13.77
N ASP A 422 -11.51 27.71 13.30
CA ASP A 422 -12.19 28.87 13.84
C ASP A 422 -13.34 29.32 12.95
N LEU A 423 -13.96 28.40 12.20
CA LEU A 423 -15.00 28.79 11.25
C LEU A 423 -16.22 29.36 11.96
N LYS A 424 -16.66 28.71 13.04
CA LYS A 424 -17.80 29.23 13.80
C LYS A 424 -17.54 30.65 14.25
N ALA A 425 -16.35 30.91 14.82
CA ALA A 425 -16.01 32.26 15.24
C ALA A 425 -16.13 33.24 14.09
N PHE A 426 -15.66 32.85 12.90
CA PHE A 426 -15.78 33.73 11.74
C PHE A 426 -17.25 34.02 11.42
N LEU A 427 -18.09 32.98 11.40
CA LEU A 427 -19.49 33.17 11.03
C LEU A 427 -20.24 34.03 12.06
N ASP A 428 -19.81 34.06 13.32
CA ASP A 428 -20.43 34.95 14.28
C ASP A 428 -20.36 36.42 13.82
N SER A 429 -19.32 36.78 13.08
CA SER A 429 -19.14 38.17 12.66
C SER A 429 -20.05 38.55 11.50
N LEU A 430 -20.64 37.57 10.81
CA LEU A 430 -21.41 37.83 9.60
C LEU A 430 -22.90 37.72 9.91
N PRO A 431 -23.61 38.84 10.12
CA PRO A 431 -24.98 38.77 10.63
C PRO A 431 -25.99 38.21 9.64
N ASP A 432 -25.62 37.97 8.38
CA ASP A 432 -26.59 37.58 7.36
C ASP A 432 -26.42 36.12 6.93
N VAL A 433 -25.73 35.31 7.72
CA VAL A 433 -25.64 33.88 7.43
C VAL A 433 -26.98 33.22 7.72
N LYS A 434 -27.34 32.25 6.88
CA LYS A 434 -28.53 31.43 7.10
C LYS A 434 -28.12 30.03 7.53
N ILE A 435 -28.84 29.47 8.49
CA ILE A 435 -28.60 28.11 8.95
C ILE A 435 -29.64 27.20 8.32
N VAL A 436 -29.18 26.20 7.58
CA VAL A 436 -30.05 25.27 6.87
C VAL A 436 -30.12 23.96 7.65
N LYS A 437 -31.33 23.41 7.79
CA LYS A 437 -31.51 22.07 8.33
C LYS A 437 -31.40 21.02 7.23
N MET A 438 -30.66 19.94 7.52
CA MET A 438 -30.46 18.87 6.53
C MET A 438 -31.07 17.56 7.00
N LEU A 454 -25.60 17.40 12.06
CA LEU A 454 -25.46 18.80 12.47
C LEU A 454 -26.15 19.73 11.46
N ASN A 455 -25.91 21.03 11.61
CA ASN A 455 -26.52 22.07 10.78
C ASN A 455 -25.47 22.69 9.86
N MET A 456 -25.93 23.23 8.73
CA MET A 456 -25.02 23.79 7.74
C MET A 456 -25.25 25.29 7.55
N PRO A 457 -24.30 26.14 7.92
CA PRO A 457 -24.45 27.59 7.62
C PRO A 457 -24.23 27.90 6.15
N VAL A 458 -25.01 28.86 5.65
CA VAL A 458 -24.98 29.26 4.25
C VAL A 458 -24.70 30.75 4.18
N ILE A 459 -23.59 31.12 3.55
CA ILE A 459 -23.23 32.53 3.36
C ILE A 459 -23.91 33.00 2.08
N PRO A 460 -24.74 34.06 2.13
CA PRO A 460 -25.35 34.57 0.92
C PRO A 460 -24.33 35.25 0.02
N MET A 461 -24.78 35.67 -1.15
CA MET A 461 -23.90 36.26 -2.16
C MET A 461 -23.70 37.74 -1.85
N ASN A 462 -22.95 38.00 -0.78
CA ASN A 462 -22.72 39.34 -0.29
C ASN A 462 -21.30 39.79 -0.64
N THR A 463 -20.88 40.91 -0.04
CA THR A 463 -19.53 41.44 -0.28
C THR A 463 -18.45 40.43 0.11
N ILE A 464 -18.57 39.81 1.28
CA ILE A 464 -17.56 38.84 1.70
C ILE A 464 -17.51 37.67 0.72
N ALA A 465 -18.69 37.17 0.31
CA ALA A 465 -18.69 36.01 -0.57
C ALA A 465 -18.07 36.35 -1.92
N GLU A 466 -18.30 37.57 -2.42
CA GLU A 466 -17.72 38.00 -3.68
C GLU A 466 -16.20 38.08 -3.59
N ALA A 467 -15.67 38.56 -2.46
CA ALA A 467 -14.24 38.60 -2.27
C ALA A 467 -13.65 37.19 -2.26
N VAL A 468 -14.33 36.24 -1.61
CA VAL A 468 -13.84 34.87 -1.58
C VAL A 468 -13.85 34.27 -2.98
N ILE A 469 -14.96 34.46 -3.71
CA ILE A 469 -15.06 33.95 -5.08
C ILE A 469 -13.99 34.60 -5.95
N GLU A 470 -13.75 35.91 -5.77
CA GLU A 470 -12.73 36.61 -6.55
C GLU A 470 -11.34 36.06 -6.27
N MET A 471 -11.02 35.77 -5.00
CA MET A 471 -9.74 35.12 -4.69
C MET A 471 -9.57 33.84 -5.50
N ILE A 472 -10.60 32.99 -5.53
CA ILE A 472 -10.48 31.72 -6.26
C ILE A 472 -10.26 31.97 -7.75
N ASN A 473 -11.11 32.81 -8.35
CA ASN A 473 -11.02 33.04 -9.79
C ASN A 473 -9.71 33.69 -10.17
N ARG A 474 -9.23 34.64 -9.36
CA ARG A 474 -7.97 35.28 -9.67
C ARG A 474 -6.77 34.44 -9.29
N GLY A 475 -6.96 33.33 -8.57
CA GLY A 475 -5.84 32.51 -8.13
C GLY A 475 -5.01 33.11 -7.01
N GLN A 476 -5.59 34.00 -6.21
CA GLN A 476 -4.86 34.56 -5.08
C GLN A 476 -4.63 33.50 -4.01
N ILE A 477 -3.59 33.71 -3.19
CA ILE A 477 -3.19 32.72 -2.20
C ILE A 477 -4.08 32.80 -0.95
N GLN A 478 -4.26 33.99 -0.39
CA GLN A 478 -5.20 34.14 0.71
C GLN A 478 -5.57 35.61 0.84
N ILE A 479 -6.69 35.85 1.52
CA ILE A 479 -7.17 37.19 1.82
C ILE A 479 -7.47 37.24 3.31
N THR A 480 -7.67 38.45 3.83
CA THR A 480 -7.98 38.66 5.24
C THR A 480 -9.31 39.40 5.35
N ILE A 481 -10.26 38.83 6.10
CA ILE A 481 -11.57 39.44 6.30
C ILE A 481 -11.85 39.48 7.79
N ASN A 482 -12.07 40.68 8.33
CA ASN A 482 -12.37 40.85 9.76
C ASN A 482 -11.29 40.25 10.64
N GLY A 483 -10.04 40.30 10.19
CA GLY A 483 -8.95 39.69 10.90
C GLY A 483 -8.73 38.21 10.65
N PHE A 484 -9.68 37.54 9.96
CA PHE A 484 -9.54 36.12 9.69
C PHE A 484 -8.83 35.89 8.36
N SER A 485 -7.88 34.96 8.36
CA SER A 485 -7.23 34.55 7.14
C SER A 485 -8.09 33.52 6.41
N ILE A 486 -8.37 33.79 5.15
CA ILE A 486 -9.17 32.91 4.29
C ILE A 486 -8.24 32.45 3.17
N SER A 487 -7.98 31.13 3.12
CA SER A 487 -6.97 30.55 2.23
C SER A 487 -7.58 29.86 1.02
N ASN A 488 -6.92 30.01 -0.12
CA ASN A 488 -7.23 29.22 -1.32
C ASN A 488 -6.76 27.78 -1.12
N GLY A 489 -7.70 26.83 -1.19
CA GLY A 489 -7.39 25.44 -0.93
C GLY A 489 -6.36 24.84 -1.85
N LEU A 490 -6.10 25.47 -3.00
CA LEU A 490 -5.08 24.99 -3.92
C LEU A 490 -3.68 25.46 -3.54
N ALA A 491 -3.54 26.27 -2.49
CA ALA A 491 -2.27 26.92 -2.20
C ALA A 491 -1.70 26.55 -0.83
N THR A 492 -2.17 25.45 -0.22
CA THR A 492 -1.78 25.15 1.16
C THR A 492 -0.28 25.02 1.34
N THR A 493 0.45 24.44 0.37
CA THR A 493 1.88 24.28 0.57
C THR A 493 2.63 25.62 0.59
N GLN A 494 2.09 26.66 -0.06
CA GLN A 494 2.69 27.99 0.06
C GLN A 494 2.33 28.66 1.37
N ILE A 495 1.26 28.22 2.03
CA ILE A 495 0.84 28.83 3.28
C ILE A 495 1.49 28.12 4.48
N ASN A 496 1.41 26.79 4.52
CA ASN A 496 1.97 26.04 5.66
C ASN A 496 2.21 24.61 5.19
N ASN A 497 3.46 24.29 4.84
CA ASN A 497 3.72 22.96 4.30
C ASN A 497 3.34 21.85 5.27
N LYS A 498 3.49 22.09 6.57
CA LYS A 498 3.13 21.08 7.57
C LYS A 498 1.62 20.86 7.65
N ALA A 499 0.83 21.90 7.39
CA ALA A 499 -0.63 21.70 7.31
C ALA A 499 -1.00 20.87 6.08
N ALA A 500 -0.30 21.09 4.95
CA ALA A 500 -0.60 20.37 3.73
C ALA A 500 -0.38 18.87 3.88
N THR A 501 0.67 18.47 4.60
CA THR A 501 1.01 17.06 4.76
C THR A 501 0.17 16.35 5.82
N GLY A 502 -0.60 17.07 6.63
CA GLY A 502 -1.28 16.46 7.76
C GLY A 502 -0.45 16.41 9.02
N GLU A 503 0.77 16.96 9.01
CA GLU A 503 1.58 17.01 10.22
C GLU A 503 1.01 17.97 11.24
N GLU A 504 0.26 18.99 10.80
CA GLU A 504 -0.36 19.99 11.68
C GLU A 504 -1.77 20.26 11.20
N VAL A 505 -2.61 20.70 12.12
CA VAL A 505 -3.98 21.11 11.76
C VAL A 505 -3.92 22.50 11.12
N PRO A 506 -4.54 22.70 9.96
CA PRO A 506 -4.53 24.04 9.35
C PRO A 506 -5.10 25.07 10.31
N ARG A 507 -4.51 26.27 10.30
CA ARG A 507 -5.00 27.32 11.18
C ARG A 507 -6.03 28.23 10.51
N THR A 508 -6.00 28.37 9.20
CA THR A 508 -6.86 29.33 8.52
C THR A 508 -8.17 28.69 8.05
N ILE A 509 -9.10 29.54 7.62
CA ILE A 509 -10.32 29.11 6.95
C ILE A 509 -9.97 28.83 5.49
N ILE A 510 -10.24 27.61 5.03
CA ILE A 510 -9.83 27.17 3.70
C ILE A 510 -11.07 27.12 2.81
N VAL A 511 -10.89 27.51 1.54
CA VAL A 511 -11.97 27.56 0.55
C VAL A 511 -11.69 26.51 -0.51
N THR A 512 -12.69 25.67 -0.79
CA THR A 512 -12.58 24.56 -1.74
C THR A 512 -13.77 24.66 -2.66
N THR A 513 -13.54 24.56 -3.98
CA THR A 513 -14.64 24.74 -4.93
C THR A 513 -14.54 23.75 -6.10
N ARG A 514 -15.69 23.42 -6.67
CA ARG A 514 -15.69 22.59 -7.86
C ARG A 514 -14.97 23.29 -9.02
N SER A 515 -15.02 24.62 -9.08
CA SER A 515 -14.31 25.30 -10.16
C SER A 515 -12.81 25.05 -10.11
N GLN A 516 -12.24 24.85 -8.93
CA GLN A 516 -10.79 24.60 -8.79
C GLN A 516 -10.36 23.33 -9.52
N TYR A 517 -11.28 22.38 -9.71
CA TYR A 517 -10.96 21.09 -10.30
C TYR A 517 -11.68 20.85 -11.62
N GLY A 518 -12.31 21.88 -12.18
CA GLY A 518 -13.01 21.73 -13.45
C GLY A 518 -14.23 20.85 -13.38
N LEU A 519 -14.85 20.72 -12.19
CA LEU A 519 -16.06 19.93 -12.02
C LEU A 519 -17.30 20.78 -12.32
N PRO A 520 -18.35 20.17 -12.88
CA PRO A 520 -19.55 20.94 -13.21
C PRO A 520 -20.32 21.35 -11.97
N GLU A 521 -20.93 22.54 -12.00
CA GLU A 521 -21.72 23.01 -10.87
C GLU A 521 -23.17 22.55 -10.91
N ASP A 522 -23.59 21.88 -11.97
CA ASP A 522 -24.99 21.55 -12.16
C ASP A 522 -25.20 20.06 -12.41
N ALA A 523 -24.29 19.23 -11.92
CA ALA A 523 -24.38 17.81 -12.22
C ALA A 523 -23.74 17.00 -11.09
N ILE A 524 -24.02 15.70 -11.12
CA ILE A 524 -23.54 14.75 -10.11
C ILE A 524 -22.09 14.39 -10.38
N VAL A 525 -21.27 14.38 -9.34
CA VAL A 525 -19.86 13.97 -9.42
C VAL A 525 -19.70 12.64 -8.69
N TYR A 526 -19.29 11.61 -9.44
CA TYR A 526 -18.82 10.33 -8.91
C TYR A 526 -17.30 10.36 -8.86
N CYS A 527 -16.71 10.04 -7.71
CA CYS A 527 -15.25 10.12 -7.61
C CYS A 527 -14.63 8.77 -7.28
N ASN A 528 -13.39 8.59 -7.72
CA ASN A 528 -12.53 7.53 -7.18
C ASN A 528 -11.08 8.01 -7.25
N PHE A 529 -10.41 8.03 -6.10
CA PHE A 529 -9.06 8.60 -6.03
C PHE A 529 -7.99 7.52 -5.80
N ASN A 530 -8.23 6.30 -6.28
CA ASN A 530 -7.27 5.20 -6.13
C ASN A 530 -6.25 5.21 -7.26
N GLN A 531 -5.13 4.52 -7.04
CA GLN A 531 -4.21 4.23 -8.13
C GLN A 531 -4.97 3.59 -9.28
N LEU A 532 -4.61 3.96 -10.52
CA LEU A 532 -5.34 3.43 -11.68
C LEU A 532 -5.14 1.93 -11.85
N TYR A 533 -4.10 1.33 -11.26
CA TYR A 533 -3.93 -0.11 -11.42
C TYR A 533 -5.01 -0.92 -10.71
N LYS A 534 -5.80 -0.30 -9.83
CA LYS A 534 -6.93 -0.98 -9.19
C LYS A 534 -8.19 -1.01 -10.09
N ILE A 535 -8.16 -0.35 -11.24
CA ILE A 535 -9.26 -0.41 -12.22
C ILE A 535 -8.94 -1.47 -13.26
N ASP A 536 -9.95 -2.26 -13.62
CA ASP A 536 -9.89 -3.20 -14.72
C ASP A 536 -11.04 -2.93 -15.69
N PRO A 537 -11.06 -3.59 -16.85
CA PRO A 537 -12.14 -3.34 -17.81
C PRO A 537 -13.52 -3.54 -17.20
N SER A 538 -13.68 -4.60 -16.41
CA SER A 538 -14.97 -4.89 -15.80
C SER A 538 -15.45 -3.71 -14.94
N THR A 539 -14.53 -3.07 -14.21
CA THR A 539 -14.91 -1.96 -13.35
C THR A 539 -15.33 -0.74 -14.15
N LEU A 540 -14.57 -0.40 -15.21
CA LEU A 540 -14.91 0.79 -16.00
C LEU A 540 -16.22 0.57 -16.76
N GLN A 541 -16.48 -0.66 -17.20
CA GLN A 541 -17.78 -0.96 -17.81
C GLN A 541 -18.91 -0.68 -16.82
N MET A 542 -18.72 -1.08 -15.55
CA MET A 542 -19.76 -0.87 -14.55
C MET A 542 -19.95 0.61 -14.26
N TRP A 543 -18.86 1.38 -14.24
CA TRP A 543 -18.98 2.83 -14.07
C TRP A 543 -19.63 3.48 -15.29
N ALA A 544 -19.29 3.03 -16.50
CA ALA A 544 -19.95 3.54 -17.70
C ALA A 544 -21.45 3.30 -17.62
N ASN A 545 -21.87 2.12 -17.17
CA ASN A 545 -23.29 1.82 -17.07
C ASN A 545 -23.99 2.83 -16.17
N ILE A 546 -23.32 3.23 -15.08
CA ILE A 546 -23.89 4.17 -14.13
C ILE A 546 -24.03 5.55 -14.76
N LEU A 547 -22.95 6.06 -15.35
CA LEU A 547 -22.99 7.39 -15.95
C LEU A 547 -24.05 7.46 -17.05
N LYS A 548 -24.21 6.38 -17.81
CA LYS A 548 -25.22 6.37 -18.86
C LYS A 548 -26.64 6.46 -18.30
N ARG A 549 -26.86 6.10 -17.05
CA ARG A 549 -28.18 6.17 -16.45
C ARG A 549 -28.42 7.45 -15.66
N VAL A 550 -27.39 8.26 -15.42
CA VAL A 550 -27.52 9.52 -14.69
C VAL A 550 -27.11 10.65 -15.62
N PRO A 551 -28.07 11.31 -16.27
CA PRO A 551 -27.71 12.39 -17.21
C PRO A 551 -26.87 13.47 -16.55
N ASN A 552 -25.85 13.94 -17.26
CA ASN A 552 -25.02 15.06 -16.83
C ASN A 552 -23.91 14.66 -15.87
N SER A 553 -24.02 13.50 -15.23
CA SER A 553 -23.03 13.11 -14.23
C SER A 553 -21.66 12.92 -14.86
N VAL A 554 -20.61 13.07 -14.04
CA VAL A 554 -19.23 12.89 -14.47
C VAL A 554 -18.53 11.96 -13.50
N LEU A 555 -17.37 11.48 -13.93
CA LEU A 555 -16.52 10.61 -13.15
C LEU A 555 -15.20 11.35 -12.91
N TRP A 556 -14.79 11.43 -11.65
CA TRP A 556 -13.64 12.23 -11.22
C TRP A 556 -12.57 11.25 -10.75
N LEU A 557 -11.46 11.17 -11.50
CA LEU A 557 -10.41 10.17 -11.29
C LEU A 557 -9.06 10.84 -11.01
N LEU A 558 -8.08 10.03 -10.59
CA LEU A 558 -6.74 10.49 -10.20
C LEU A 558 -5.71 10.21 -11.31
N ARG A 559 -4.84 11.19 -11.60
CA ARG A 559 -3.71 10.97 -12.51
C ARG A 559 -2.61 10.23 -11.77
N PHE A 560 -2.71 8.91 -11.72
CA PHE A 560 -1.69 8.12 -11.05
C PHE A 560 -1.51 6.79 -11.79
N PRO A 561 -0.74 6.83 -12.89
CA PRO A 561 -0.06 8.02 -13.40
C PRO A 561 -0.80 8.73 -14.53
N ALA A 562 -0.31 9.92 -14.90
CA ALA A 562 -0.92 10.70 -15.96
C ALA A 562 -0.94 9.92 -17.28
N VAL A 563 0.13 9.18 -17.59
CA VAL A 563 0.15 8.48 -18.86
C VAL A 563 -0.95 7.44 -18.99
N GLY A 564 -1.69 7.16 -17.91
CA GLY A 564 -2.83 6.29 -18.05
C GLY A 564 -4.11 6.99 -18.48
N GLU A 565 -4.13 8.32 -18.44
CA GLU A 565 -5.34 9.08 -18.76
C GLU A 565 -5.86 8.75 -20.15
N PRO A 566 -5.06 8.82 -21.22
CA PRO A 566 -5.62 8.55 -22.55
C PRO A 566 -6.09 7.12 -22.76
N ASN A 567 -5.57 6.15 -21.99
CA ASN A 567 -6.08 4.79 -22.11
C ASN A 567 -7.49 4.71 -21.53
N ILE A 568 -7.69 5.27 -20.33
CA ILE A 568 -9.02 5.28 -19.73
CA ILE A 568 -9.02 5.25 -19.73
C ILE A 568 -10.00 5.98 -20.64
N GLN A 569 -9.61 7.13 -21.20
CA GLN A 569 -10.49 7.88 -22.07
CA GLN A 569 -10.49 7.88 -22.07
C GLN A 569 -10.87 7.07 -23.32
N GLN A 570 -9.89 6.38 -23.91
CA GLN A 570 -10.19 5.62 -25.11
C GLN A 570 -11.16 4.47 -24.81
N TYR A 571 -10.92 3.73 -23.73
CA TYR A 571 -11.82 2.63 -23.38
C TYR A 571 -13.20 3.15 -23.00
N ALA A 572 -13.26 4.29 -22.30
CA ALA A 572 -14.55 4.85 -21.96
C ALA A 572 -15.33 5.25 -23.21
N GLN A 573 -14.67 5.99 -24.11
CA GLN A 573 -15.34 6.41 -25.34
C GLN A 573 -15.77 5.19 -26.16
N ASN A 574 -14.99 4.13 -26.10
CA ASN A 574 -15.33 2.87 -26.74
C ASN A 574 -16.57 2.24 -26.11
N MET A 575 -16.82 2.51 -24.82
CA MET A 575 -18.00 2.02 -24.12
C MET A 575 -19.18 2.97 -24.22
N GLY A 576 -19.08 4.04 -25.01
CA GLY A 576 -20.15 4.99 -25.18
C GLY A 576 -20.14 6.19 -24.25
N LEU A 577 -18.97 6.60 -23.75
CA LEU A 577 -18.87 7.76 -22.88
C LEU A 577 -18.03 8.83 -23.55
N PRO A 578 -18.58 9.96 -23.91
CA PRO A 578 -17.75 11.07 -24.38
C PRO A 578 -16.62 11.40 -23.43
N GLN A 579 -15.56 11.99 -23.96
CA GLN A 579 -14.36 12.26 -23.18
C GLN A 579 -14.65 13.24 -22.04
N ASN A 580 -15.52 14.23 -22.29
CA ASN A 580 -15.84 15.24 -21.30
C ASN A 580 -16.65 14.70 -20.12
N ARG A 581 -17.00 13.42 -20.12
CA ARG A 581 -17.64 12.85 -18.93
C ARG A 581 -16.62 12.39 -17.88
N ILE A 582 -15.32 12.36 -18.19
CA ILE A 582 -14.29 11.89 -17.26
C ILE A 582 -13.28 13.01 -17.01
N ILE A 583 -13.12 13.38 -15.75
CA ILE A 583 -12.30 14.51 -15.33
C ILE A 583 -11.20 13.98 -14.43
N PHE A 584 -9.95 14.24 -14.78
CA PHE A 584 -8.82 13.83 -13.95
C PHE A 584 -8.24 15.04 -13.20
N SER A 585 -7.71 14.78 -12.01
CA SER A 585 -6.96 15.76 -11.23
C SER A 585 -5.60 15.19 -10.86
N PRO A 586 -4.59 16.04 -10.65
CA PRO A 586 -3.30 15.53 -10.17
C PRO A 586 -3.38 15.06 -8.71
N VAL A 587 -2.39 14.24 -8.34
CA VAL A 587 -2.17 13.90 -6.92
C VAL A 587 -1.99 15.19 -6.14
N ALA A 588 -2.70 15.29 -5.01
CA ALA A 588 -2.63 16.47 -4.16
C ALA A 588 -1.97 16.13 -2.82
N PRO A 589 -1.48 17.15 -2.10
CA PRO A 589 -1.02 16.91 -0.72
C PRO A 589 -2.12 16.25 0.08
N LYS A 590 -1.70 15.52 1.13
CA LYS A 590 -2.62 14.72 1.93
C LYS A 590 -3.86 15.51 2.36
N GLU A 591 -3.66 16.70 2.92
CA GLU A 591 -4.81 17.44 3.47
C GLU A 591 -5.76 17.89 2.37
N GLU A 592 -5.23 18.39 1.25
CA GLU A 592 -6.08 18.79 0.12
C GLU A 592 -6.84 17.61 -0.45
N HIS A 593 -6.20 16.43 -0.49
CA HIS A 593 -6.85 15.22 -1.02
C HIS A 593 -8.07 14.85 -0.18
N VAL A 594 -7.95 14.91 1.14
CA VAL A 594 -9.09 14.56 1.99
C VAL A 594 -10.14 15.65 1.89
N ARG A 595 -9.72 16.92 1.90
CA ARG A 595 -10.66 18.04 1.91
C ARG A 595 -11.46 18.12 0.61
N ARG A 596 -10.81 17.88 -0.53
CA ARG A 596 -11.54 17.99 -1.79
C ARG A 596 -12.52 16.82 -2.02
N GLY A 597 -12.42 15.74 -1.26
CA GLY A 597 -13.48 14.74 -1.28
C GLY A 597 -14.86 15.31 -0.97
N GLN A 598 -14.91 16.44 -0.25
CA GLN A 598 -16.19 17.06 0.03
C GLN A 598 -16.92 17.55 -1.22
N LEU A 599 -16.20 17.70 -2.34
CA LEU A 599 -16.86 18.20 -3.55
C LEU A 599 -17.61 17.12 -4.31
N ALA A 600 -17.35 15.85 -4.02
CA ALA A 600 -18.03 14.78 -4.75
C ALA A 600 -19.43 14.56 -4.16
N ASP A 601 -20.32 13.99 -4.97
CA ASP A 601 -21.59 13.54 -4.41
C ASP A 601 -21.49 12.11 -3.89
N VAL A 602 -20.74 11.27 -4.59
CA VAL A 602 -20.68 9.83 -4.31
C VAL A 602 -19.30 9.34 -4.73
N CYS A 603 -18.73 8.43 -3.94
CA CYS A 603 -17.50 7.73 -4.27
C CYS A 603 -17.84 6.31 -4.75
N LEU A 604 -17.27 5.92 -5.90
CA LEU A 604 -17.45 4.57 -6.45
C LEU A 604 -16.19 3.76 -6.14
N ASP A 605 -16.30 2.79 -5.23
CA ASP A 605 -15.15 2.01 -4.81
C ASP A 605 -14.77 0.98 -5.87
N THR A 606 -13.48 0.65 -5.94
CA THR A 606 -12.99 -0.31 -6.91
C THR A 606 -13.20 -1.74 -6.41
N PRO A 607 -14.02 -2.55 -7.09
CA PRO A 607 -14.26 -3.92 -6.61
C PRO A 607 -13.01 -4.81 -6.63
N LEU A 608 -12.11 -4.61 -7.60
CA LEU A 608 -11.00 -5.54 -7.75
C LEU A 608 -10.11 -5.51 -6.52
N CYS A 609 -9.78 -4.32 -6.06
CA CYS A 609 -9.03 -4.12 -4.83
C CYS A 609 -9.57 -2.79 -4.29
N ASN A 610 -10.22 -2.82 -3.12
CA ASN A 610 -10.90 -1.61 -2.67
C ASN A 610 -9.90 -0.51 -2.34
N GLY A 611 -10.41 0.72 -2.25
CA GLY A 611 -9.67 1.76 -1.57
C GLY A 611 -9.65 1.45 -0.09
N HIS A 612 -8.48 1.53 0.52
CA HIS A 612 -8.38 1.24 1.94
C HIS A 612 -8.19 2.55 2.71
N THR A 613 -7.01 3.16 2.66
CA THR A 613 -6.84 4.50 3.20
C THR A 613 -7.80 5.49 2.56
N THR A 614 -7.96 5.43 1.23
CA THR A 614 -8.81 6.38 0.52
C THR A 614 -10.30 6.18 0.81
N GLY A 615 -10.71 4.97 1.21
CA GLY A 615 -12.07 4.77 1.72
C GLY A 615 -12.30 5.54 3.02
N MET A 616 -11.37 5.41 3.97
CA MET A 616 -11.47 6.23 5.17
C MET A 616 -11.49 7.72 4.81
N ASP A 617 -10.68 8.14 3.83
CA ASP A 617 -10.62 9.56 3.52
C ASP A 617 -11.96 10.10 3.03
N VAL A 618 -12.64 9.41 2.09
CA VAL A 618 -13.88 9.96 1.56
C VAL A 618 -14.98 9.93 2.61
N LEU A 619 -15.01 8.91 3.44
CA LEU A 619 -16.02 8.86 4.49
C LEU A 619 -15.83 10.00 5.49
N TRP A 620 -14.57 10.32 5.81
CA TRP A 620 -14.32 11.44 6.72
C TRP A 620 -14.82 12.76 6.13
N ALA A 621 -14.80 12.89 4.80
CA ALA A 621 -15.37 14.08 4.16
C ALA A 621 -16.90 14.07 4.13
N GLY A 622 -17.54 12.97 4.54
CA GLY A 622 -19.00 12.89 4.45
C GLY A 622 -19.51 12.40 3.11
N THR A 623 -18.66 11.77 2.30
CA THR A 623 -19.07 11.35 0.97
C THR A 623 -19.41 9.87 0.98
N PRO A 624 -20.67 9.50 0.70
CA PRO A 624 -21.02 8.08 0.67
C PRO A 624 -20.18 7.33 -0.36
N MET A 625 -19.74 6.12 0.00
CA MET A 625 -18.98 5.24 -0.88
C MET A 625 -19.80 4.00 -1.18
N VAL A 626 -19.93 3.67 -2.47
CA VAL A 626 -20.64 2.46 -2.92
C VAL A 626 -19.60 1.38 -3.19
N THR A 627 -19.83 0.16 -2.69
CA THR A 627 -18.84 -0.91 -2.81
C THR A 627 -19.52 -2.26 -3.05
N MET A 628 -18.76 -3.17 -3.67
CA MET A 628 -19.18 -4.55 -3.86
C MET A 628 -18.08 -5.48 -3.35
N PRO A 629 -18.21 -6.03 -2.14
CA PRO A 629 -17.14 -6.86 -1.59
C PRO A 629 -16.95 -8.13 -2.40
N GLY A 630 -15.70 -8.49 -2.62
CA GLY A 630 -15.31 -9.69 -3.35
C GLY A 630 -15.03 -10.84 -2.40
N GLU A 631 -13.98 -11.61 -2.72
CA GLU A 631 -13.55 -12.72 -1.89
C GLU A 631 -12.22 -12.49 -1.18
N THR A 632 -11.27 -11.82 -1.84
CA THR A 632 -10.00 -11.53 -1.19
C THR A 632 -10.18 -10.52 -0.05
N LEU A 633 -9.25 -10.55 0.90
CA LEU A 633 -9.25 -9.52 1.94
C LEU A 633 -9.28 -8.13 1.32
N ALA A 634 -8.41 -7.89 0.32
CA ALA A 634 -8.29 -6.54 -0.23
C ALA A 634 -9.57 -6.07 -0.90
N SER A 635 -10.40 -6.99 -1.40
CA SER A 635 -11.66 -6.63 -2.02
C SER A 635 -12.82 -6.46 -1.06
N ARG A 636 -12.62 -6.69 0.24
CA ARG A 636 -13.71 -6.66 1.22
C ARG A 636 -13.54 -5.59 2.30
N VAL A 637 -12.49 -4.78 2.24
CA VAL A 637 -12.22 -3.81 3.30
C VAL A 637 -13.25 -2.68 3.32
N ALA A 638 -13.65 -2.17 2.14
CA ALA A 638 -14.57 -1.03 2.12
C ALA A 638 -15.92 -1.38 2.72
N ALA A 639 -16.40 -2.60 2.48
CA ALA A 639 -17.66 -3.02 3.08
C ALA A 639 -17.52 -3.21 4.60
N SER A 640 -16.35 -3.65 5.07
CA SER A 640 -16.11 -3.69 6.51
C SER A 640 -16.20 -2.29 7.11
N GLN A 641 -15.60 -1.30 6.45
CA GLN A 641 -15.65 0.07 6.92
C GLN A 641 -17.08 0.59 6.96
N LEU A 642 -17.85 0.31 5.89
CA LEU A 642 -19.23 0.81 5.83
C LEU A 642 -20.12 0.10 6.86
N THR A 643 -19.83 -1.16 7.16
CA THR A 643 -20.58 -1.86 8.20
C THR A 643 -20.34 -1.22 9.56
N CYS A 644 -19.07 -0.96 9.90
CA CYS A 644 -18.77 -0.28 11.15
C CYS A 644 -19.42 1.11 11.19
N LEU A 645 -19.40 1.82 10.05
CA LEU A 645 -19.99 3.15 9.98
C LEU A 645 -21.50 3.11 10.22
N GLY A 646 -22.17 2.04 9.79
CA GLY A 646 -23.60 1.93 9.90
C GLY A 646 -24.38 2.28 8.65
N CYS A 647 -23.82 2.05 7.46
CA CYS A 647 -24.48 2.33 6.18
C CYS A 647 -24.53 1.06 5.35
N LEU A 648 -25.33 0.10 5.79
CA LEU A 648 -25.44 -1.17 5.07
C LEU A 648 -26.03 -1.00 3.68
N GLU A 649 -26.76 0.08 3.44
CA GLU A 649 -27.38 0.32 2.15
C GLU A 649 -26.38 0.72 1.07
N LEU A 650 -25.12 0.93 1.42
CA LEU A 650 -24.10 1.25 0.43
C LEU A 650 -23.30 0.02 -0.01
N ILE A 651 -23.66 -1.17 0.46
CA ILE A 651 -22.93 -2.40 0.19
C ILE A 651 -23.74 -3.25 -0.77
N ALA A 652 -23.18 -3.52 -1.95
CA ALA A 652 -23.86 -4.26 -3.00
C ALA A 652 -23.50 -5.75 -2.96
N LYS A 653 -24.49 -6.61 -3.22
CA LYS A 653 -24.27 -8.03 -3.29
C LYS A 653 -23.84 -8.49 -4.68
N ASN A 654 -24.00 -7.66 -5.70
CA ASN A 654 -23.60 -8.02 -7.06
C ASN A 654 -23.47 -6.73 -7.87
N ARG A 655 -23.10 -6.88 -9.13
CA ARG A 655 -22.86 -5.71 -9.98
C ARG A 655 -24.14 -4.93 -10.23
N GLN A 656 -25.25 -5.62 -10.47
CA GLN A 656 -26.52 -4.92 -10.66
C GLN A 656 -26.84 -4.03 -9.46
N GLU A 657 -26.71 -4.57 -8.25
CA GLU A 657 -27.00 -3.79 -7.07
C GLU A 657 -26.06 -2.59 -6.97
N TYR A 658 -24.78 -2.80 -7.25
CA TYR A 658 -23.81 -1.70 -7.22
C TYR A 658 -24.24 -0.56 -8.14
N GLU A 659 -24.61 -0.90 -9.38
CA GLU A 659 -25.08 0.12 -10.32
C GLU A 659 -26.37 0.78 -9.83
N ASP A 660 -27.32 -0.02 -9.35
CA ASP A 660 -28.60 0.55 -8.93
C ASP A 660 -28.43 1.50 -7.76
N ILE A 661 -27.56 1.15 -6.79
CA ILE A 661 -27.32 2.04 -5.66
C ILE A 661 -26.74 3.37 -6.13
N ALA A 662 -25.70 3.31 -6.97
CA ALA A 662 -25.07 4.53 -7.47
C ALA A 662 -26.05 5.39 -8.28
N VAL A 663 -26.89 4.75 -9.11
CA VAL A 663 -27.82 5.51 -9.93
C VAL A 663 -28.92 6.16 -9.06
N LYS A 664 -29.41 5.44 -8.05
CA LYS A 664 -30.39 6.04 -7.15
C LYS A 664 -29.81 7.24 -6.42
N LEU A 665 -28.57 7.13 -5.94
CA LEU A 665 -27.95 8.27 -5.27
C LEU A 665 -27.82 9.46 -6.22
N GLY A 666 -27.57 9.21 -7.50
CA GLY A 666 -27.39 10.26 -8.47
C GLY A 666 -28.66 10.81 -9.10
N THR A 667 -29.82 10.19 -8.85
CA THR A 667 -31.05 10.63 -9.48
C THR A 667 -32.13 11.01 -8.47
N ASP A 668 -32.18 10.38 -7.30
CA ASP A 668 -33.11 10.74 -6.23
C ASP A 668 -32.34 11.66 -5.28
N LEU A 669 -32.46 12.97 -5.49
CA LEU A 669 -31.65 13.92 -4.74
C LEU A 669 -32.06 14.03 -3.28
N GLU A 670 -33.30 13.70 -2.94
CA GLU A 670 -33.70 13.64 -1.53
C GLU A 670 -33.01 12.48 -0.83
N TYR A 671 -32.96 11.32 -1.50
CA TYR A 671 -32.24 10.18 -0.96
C TYR A 671 -30.76 10.48 -0.79
N LEU A 672 -30.16 11.17 -1.78
CA LEU A 672 -28.76 11.56 -1.67
C LEU A 672 -28.53 12.42 -0.45
N LYS A 673 -29.40 13.41 -0.23
CA LYS A 673 -29.29 14.25 0.94
C LYS A 673 -29.37 13.41 2.21
N LYS A 674 -30.29 12.44 2.25
CA LYS A 674 -30.41 11.60 3.44
C LYS A 674 -29.15 10.77 3.67
N VAL A 675 -28.61 10.15 2.63
CA VAL A 675 -27.45 9.29 2.82
C VAL A 675 -26.21 10.12 3.17
N ARG A 676 -25.99 11.25 2.48
CA ARG A 676 -24.85 12.09 2.84
C ARG A 676 -24.94 12.56 4.29
N GLY A 677 -26.15 12.85 4.76
CA GLY A 677 -26.32 13.23 6.15
C GLY A 677 -25.98 12.12 7.11
N LYS A 678 -26.31 10.88 6.73
CA LYS A 678 -25.91 9.73 7.54
C LYS A 678 -24.39 9.64 7.70
N VAL A 679 -23.67 9.71 6.58
CA VAL A 679 -22.21 9.63 6.63
C VAL A 679 -21.63 10.78 7.45
N TRP A 680 -22.11 12.00 7.18
CA TRP A 680 -21.62 13.19 7.90
C TRP A 680 -21.77 13.02 9.41
N LYS A 681 -22.86 12.42 9.85
CA LYS A 681 -23.10 12.24 11.28
C LYS A 681 -22.40 11.02 11.84
N GLN A 682 -22.43 9.88 11.14
CA GLN A 682 -21.94 8.66 11.74
C GLN A 682 -20.41 8.53 11.69
N ARG A 683 -19.75 9.29 10.81
CA ARG A 683 -18.29 9.36 10.90
C ARG A 683 -17.85 9.80 12.29
N ILE A 684 -18.71 10.48 13.03
CA ILE A 684 -18.42 10.90 14.38
C ILE A 684 -18.95 9.91 15.41
N SER A 685 -20.20 9.46 15.24
CA SER A 685 -20.87 8.68 16.27
C SER A 685 -20.56 7.18 16.20
N SER A 686 -20.12 6.67 15.05
CA SER A 686 -19.80 5.25 14.93
C SER A 686 -18.39 5.00 15.44
N PRO A 687 -18.01 3.73 15.59
CA PRO A 687 -16.63 3.42 16.02
C PRO A 687 -15.59 3.62 14.93
N LEU A 688 -15.96 4.04 13.73
CA LEU A 688 -15.03 3.90 12.59
C LEU A 688 -13.76 4.73 12.79
N PHE A 689 -13.88 5.95 13.29
CA PHE A 689 -12.72 6.83 13.47
C PHE A 689 -12.34 7.01 14.93
N ASN A 690 -12.83 6.15 15.81
CA ASN A 690 -12.66 6.33 17.25
C ASN A 690 -11.44 5.52 17.68
N THR A 691 -10.28 6.19 17.69
CA THR A 691 -9.02 5.51 18.00
C THR A 691 -8.94 5.06 19.44
N LYS A 692 -9.60 5.77 20.37
CA LYS A 692 -9.57 5.34 21.76
C LYS A 692 -10.30 4.02 21.95
N GLN A 693 -11.48 3.90 21.34
CA GLN A 693 -12.24 2.65 21.43
C GLN A 693 -11.49 1.53 20.72
N TYR A 694 -10.96 1.81 19.52
CA TYR A 694 -10.19 0.83 18.80
C TYR A 694 -9.07 0.25 19.66
N THR A 695 -8.26 1.11 20.28
CA THR A 695 -7.15 0.64 21.11
C THR A 695 -7.65 -0.24 22.24
N MET A 696 -8.75 0.14 22.89
CA MET A 696 -9.31 -0.69 23.95
C MET A 696 -9.71 -2.06 23.41
N GLU A 697 -10.36 -2.10 22.25
CA GLU A 697 -10.75 -3.38 21.67
CA GLU A 697 -10.75 -3.37 21.66
C GLU A 697 -9.53 -4.18 21.23
N LEU A 698 -8.52 -3.49 20.67
CA LEU A 698 -7.28 -4.17 20.30
C LEU A 698 -6.63 -4.80 21.52
N GLU A 699 -6.63 -4.10 22.66
CA GLU A 699 -6.05 -4.64 23.89
C GLU A 699 -6.80 -5.88 24.36
N ARG A 700 -8.12 -5.86 24.28
CA ARG A 700 -8.89 -7.06 24.65
C ARG A 700 -8.48 -8.25 23.78
N LEU A 701 -8.21 -8.00 22.50
CA LEU A 701 -7.81 -9.09 21.61
C LEU A 701 -6.42 -9.62 21.98
N TYR A 702 -5.46 -8.72 22.23
CA TYR A 702 -4.13 -9.18 22.65
C TYR A 702 -4.22 -10.09 23.87
N LEU A 703 -5.09 -9.76 24.82
CA LEU A 703 -5.16 -10.55 26.04
C LEU A 703 -5.78 -11.92 25.78
N GLN A 704 -6.72 -12.03 24.84
CA GLN A 704 -7.20 -13.35 24.46
C GLN A 704 -6.08 -14.18 23.86
N MET A 705 -5.27 -13.58 22.99
CA MET A 705 -4.11 -14.27 22.45
C MET A 705 -3.18 -14.72 23.57
N TRP A 706 -2.86 -13.82 24.49
CA TRP A 706 -1.89 -14.13 25.53
C TRP A 706 -2.41 -15.23 26.46
N GLU A 707 -3.62 -15.07 26.98
CA GLU A 707 -4.19 -16.09 27.87
C GLU A 707 -4.20 -17.46 27.20
N HIS A 708 -4.59 -17.49 25.93
CA HIS A 708 -4.54 -18.73 25.15
C HIS A 708 -3.15 -19.34 25.17
N TYR A 709 -2.13 -18.55 24.80
CA TYR A 709 -0.76 -19.05 24.82
C TYR A 709 -0.34 -19.46 26.24
N ALA A 710 -0.53 -18.58 27.21
CA ALA A 710 -0.07 -18.87 28.58
C ALA A 710 -0.70 -20.15 29.11
N ALA A 711 -1.89 -20.52 28.62
CA ALA A 711 -2.50 -21.77 29.01
C ALA A 711 -1.89 -22.98 28.30
N GLY A 712 -0.87 -22.78 27.47
CA GLY A 712 -0.18 -23.88 26.83
C GLY A 712 -0.72 -24.28 25.48
N ASN A 713 -1.49 -23.42 24.82
CA ASN A 713 -2.13 -23.76 23.56
C ASN A 713 -1.40 -23.10 22.39
N LYS A 714 -1.44 -23.79 21.25
CA LYS A 714 -0.98 -23.22 19.99
C LYS A 714 -2.05 -22.29 19.43
N PRO A 715 -1.66 -21.36 18.56
CA PRO A 715 -2.62 -20.40 18.02
C PRO A 715 -3.86 -21.08 17.46
N ASP A 716 -5.02 -20.49 17.73
CA ASP A 716 -6.29 -20.94 17.18
C ASP A 716 -7.12 -19.71 16.86
N HIS A 717 -8.16 -19.90 16.05
CA HIS A 717 -8.98 -18.75 15.65
C HIS A 717 -9.54 -18.05 16.87
N MET A 718 -9.40 -16.73 16.91
CA MET A 718 -9.99 -15.89 17.94
C MET A 718 -11.15 -15.14 17.31
N ILE A 719 -12.23 -15.87 17.02
CA ILE A 719 -13.41 -15.28 16.43
C ILE A 719 -14.48 -15.01 17.46
N LYS A 720 -14.16 -15.20 18.74
CA LYS A 720 -15.07 -14.90 19.84
C LYS A 720 -16.46 -15.48 19.62
N THR B 1 5.32 1.86 -3.11
CA THR B 1 5.50 0.68 -3.97
C THR B 1 6.82 -0.02 -3.68
N HIS B 2 6.79 -1.36 -3.69
CA HIS B 2 7.98 -2.14 -3.40
C HIS B 2 8.92 -2.17 -4.60
N GLU B 3 10.16 -2.58 -4.33
CA GLU B 3 11.16 -2.74 -5.39
C GLU B 3 10.75 -3.86 -6.33
N THR B 4 10.84 -3.61 -7.64
CA THR B 4 10.56 -4.67 -8.61
C THR B 4 11.69 -5.70 -8.58
N GLY B 5 11.33 -6.99 -8.49
CA GLY B 5 12.33 -8.05 -8.53
C GLY B 5 13.12 -8.04 -9.83
N THR B 6 14.29 -8.68 -9.79
CA THR B 6 15.20 -8.79 -10.92
C THR B 6 15.50 -10.26 -11.18
N THR B 7 16.23 -10.52 -12.27
CA THR B 7 16.57 -11.88 -12.68
C THR B 7 18.08 -12.07 -12.69
N ASN B 8 18.58 -12.94 -11.81
CA ASN B 8 19.99 -13.32 -11.85
C ASN B 8 20.23 -14.31 -12.99
N THR B 9 21.39 -14.21 -13.62
CA THR B 9 21.78 -15.11 -14.69
C THR B 9 22.80 -16.12 -14.17
N ALA B 10 22.53 -17.40 -14.41
CA ALA B 10 23.49 -18.45 -14.05
C ALA B 10 24.35 -18.76 -15.26
N THR B 11 25.67 -18.74 -15.07
CA THR B 11 26.62 -18.92 -16.15
C THR B 11 27.05 -20.39 -16.20
N THR B 12 26.85 -21.03 -17.36
CA THR B 12 27.29 -22.40 -17.56
C THR B 12 28.74 -22.41 -17.97
N ALA B 13 29.54 -23.26 -17.33
CA ALA B 13 30.96 -23.41 -17.64
C ALA B 13 31.12 -24.38 -18.81
N THR B 14 31.80 -23.95 -19.86
CA THR B 14 32.03 -24.81 -21.03
C THR B 14 33.47 -24.71 -21.52
#